data_4AM6
#
_entry.id   4AM6
#
_cell.length_a   138.200
_cell.length_b   87.859
_cell.length_c   149.370
_cell.angle_alpha   90.00
_cell.angle_beta   115.40
_cell.angle_gamma   90.00
#
_symmetry.space_group_name_H-M   'C 1 2 1'
#
loop_
_entity.id
_entity.type
_entity.pdbx_description
1 polymer 'ACTIN-LIKE PROTEIN ARP8'
2 non-polymer 'SULFATE ION'
3 water water
#
_entity_poly.entity_id   1
_entity_poly.type   'polypeptide(L)'
_entity_poly.pdbx_seq_one_letter_code
;MGSSHHHHHHSSGLVPRGSHMHSEASAAPLNDEIDLNDPTATIVIHPGSNSIKIGFPKDDHPVVVPNCVAVPKKWLDLEN
SEHVENVCLQREQSEEFNNIKSEMEKNFRERMRYYKRKVPGNAHEQVVSFNENSKPEIISEKNDPSPIEWIFDDSKLYYG
SDALRCVDEKFVIRKPFRGGSFNVKSPYYKSLAELISDVTKLLEHALNSETLNVKPTKFNQYKVVLVIPDIFKKSHVETF
IRVLLTELQFQAVAIIQESLATCYGAGISTSTCVVNIGAAETRIACVDEGTVLEHSAITLDYGGDDITRLFALFLLQSDF
PLQDWKIDSKHGWLLAERLKKNFTTFQDADVAVQLYNFMNRSPNQPTEKYEFKLFDEVMLAPLALFFPQIFKLIRTSSHK
NSSLEFQLPESRDLFTNELNDWNSLSQFESKEGNLYCDLNDDLKILNRILDAHNIIDQLQDKPENYGNTLKENFAPLEKA
IVQSIANASITADVTRMNSFYSNILIVGGSSKIPALDFILTDRINIWRPSLLSSASFPQFYKKLTKEIKDLEGHYVNAPD
KTEDENKQILQAQIKEKIVEELEEQHQNIEHQNGNEHIFPVSIIPPPRDMNPALIIWKGASVLAQIKLVEELFITNSDWD
VHGSRILQYKCIFTY
;
_entity_poly.pdbx_strand_id   A,B
#
loop_
_chem_comp.id
_chem_comp.type
_chem_comp.name
_chem_comp.formula
SO4 non-polymer 'SULFATE ION' 'O4 S -2'
#
# COMPACT_ATOMS: atom_id res chain seq x y z
N GLU A 33 -30.44 -14.78 -8.73
CA GLU A 33 -29.46 -15.19 -9.80
C GLU A 33 -29.74 -14.48 -11.11
N ILE A 34 -30.91 -14.79 -11.70
CA ILE A 34 -31.26 -14.53 -13.11
C ILE A 34 -31.44 -13.00 -13.39
N ASP A 35 -31.14 -12.59 -14.64
CA ASP A 35 -30.90 -11.17 -14.99
C ASP A 35 -32.02 -10.44 -15.77
N LEU A 36 -33.11 -10.06 -15.11
CA LEU A 36 -34.16 -9.27 -15.78
C LEU A 36 -34.04 -7.78 -15.45
N ASN A 37 -34.51 -6.95 -16.38
CA ASN A 37 -34.62 -5.51 -16.14
C ASN A 37 -35.97 -5.11 -15.56
N ASP A 38 -35.98 -5.25 -14.24
CA ASP A 38 -37.07 -5.02 -13.35
C ASP A 38 -36.45 -4.21 -12.21
N PRO A 39 -37.05 -3.07 -11.88
CA PRO A 39 -36.62 -2.15 -10.82
C PRO A 39 -36.58 -2.71 -9.40
N THR A 40 -37.27 -3.80 -9.11
CA THR A 40 -37.25 -4.43 -7.77
C THR A 40 -35.85 -4.84 -7.39
N ALA A 41 -35.08 -5.20 -8.41
CA ALA A 41 -33.80 -5.83 -8.24
C ALA A 41 -32.67 -4.85 -8.51
N THR A 42 -32.90 -3.59 -8.16
CA THR A 42 -31.98 -2.48 -8.44
C THR A 42 -31.65 -1.60 -7.21
N ILE A 43 -30.38 -1.26 -7.07
CA ILE A 43 -29.86 -0.47 -6.00
C ILE A 43 -29.26 0.75 -6.63
N VAL A 44 -29.67 1.91 -6.15
CA VAL A 44 -29.23 3.19 -6.74
C VAL A 44 -28.27 3.78 -5.76
N ILE A 45 -27.11 4.21 -6.20
CA ILE A 45 -26.01 4.62 -5.29
C ILE A 45 -25.46 5.99 -5.66
N HIS A 46 -25.38 6.91 -4.73
CA HIS A 46 -24.83 8.19 -5.11
C HIS A 46 -23.84 8.54 -4.09
N PRO A 47 -22.53 8.31 -4.36
CA PRO A 47 -21.45 8.57 -3.42
C PRO A 47 -21.42 10.08 -3.16
N GLY A 48 -21.07 10.55 -1.96
CA GLY A 48 -20.62 11.93 -1.84
C GLY A 48 -19.58 12.19 -0.75
N SER A 49 -19.05 13.41 -0.65
CA SER A 49 -18.02 13.64 0.40
C SER A 49 -18.51 13.49 1.83
N ASN A 50 -19.75 13.89 2.05
CA ASN A 50 -20.31 13.71 3.40
C ASN A 50 -21.02 12.41 3.67
N SER A 51 -21.63 11.85 2.63
CA SER A 51 -22.44 10.71 2.87
C SER A 51 -22.83 10.07 1.57
N ILE A 52 -22.92 8.75 1.58
CA ILE A 52 -23.27 7.99 0.38
C ILE A 52 -24.79 7.82 0.42
N LYS A 53 -25.47 8.13 -0.68
CA LYS A 53 -26.92 7.95 -0.71
C LYS A 53 -27.29 6.62 -1.34
N ILE A 54 -28.03 5.80 -0.62
CA ILE A 54 -28.27 4.47 -1.11
C ILE A 54 -29.68 3.95 -0.77
N GLY A 55 -30.34 3.32 -1.73
CA GLY A 55 -31.53 2.57 -1.50
C GLY A 55 -32.05 1.96 -2.77
N PHE A 56 -33.25 1.41 -2.71
CA PHE A 56 -33.96 0.91 -3.88
C PHE A 56 -34.70 2.10 -4.53
N PRO A 57 -34.96 2.03 -5.83
CA PRO A 57 -35.57 3.18 -6.51
C PRO A 57 -36.94 3.59 -6.02
N LYS A 58 -37.77 2.62 -5.65
CA LYS A 58 -39.14 2.90 -5.25
C LYS A 58 -39.28 3.42 -3.81
N ASP A 59 -38.15 3.54 -3.12
CA ASP A 59 -38.12 4.09 -1.79
C ASP A 59 -38.49 5.54 -1.86
N ASP A 60 -39.26 5.96 -0.87
CA ASP A 60 -39.62 7.35 -0.66
C ASP A 60 -38.27 8.10 -0.62
N HIS A 61 -37.33 7.60 0.19
CA HIS A 61 -36.02 8.23 0.42
C HIS A 61 -34.91 7.19 0.53
N PRO A 62 -33.66 7.59 0.24
CA PRO A 62 -32.57 6.62 0.35
C PRO A 62 -32.02 6.65 1.73
N VAL A 63 -31.25 5.65 2.09
CA VAL A 63 -30.51 5.69 3.34
C VAL A 63 -29.39 6.66 3.05
N VAL A 64 -29.08 7.47 4.06
CA VAL A 64 -27.97 8.36 4.00
C VAL A 64 -26.90 7.81 4.90
N VAL A 65 -25.76 7.43 4.34
CA VAL A 65 -24.70 6.81 5.13
C VAL A 65 -23.42 7.67 5.17
N PRO A 66 -22.96 8.03 6.38
CA PRO A 66 -21.78 8.88 6.43
C PRO A 66 -20.65 8.23 5.72
N ASN A 67 -19.92 9.04 4.96
CA ASN A 67 -18.67 8.69 4.29
C ASN A 67 -17.47 8.54 5.24
N CYS A 68 -17.57 7.67 6.23
CA CYS A 68 -16.52 7.68 7.28
C CYS A 68 -16.07 6.25 7.59
N VAL A 69 -14.79 6.05 7.85
CA VAL A 69 -14.35 4.79 8.41
C VAL A 69 -13.38 5.17 9.53
N ALA A 70 -13.61 4.55 10.69
CA ALA A 70 -12.83 4.78 11.88
C ALA A 70 -11.84 3.64 12.05
N VAL A 71 -10.58 4.00 12.12
CA VAL A 71 -9.51 3.04 12.21
C VAL A 71 -8.84 3.20 13.57
N PRO A 72 -8.68 2.10 14.34
CA PRO A 72 -7.86 2.17 15.55
C PRO A 72 -6.50 2.81 15.22
N LYS A 73 -6.14 3.87 15.96
CA LYS A 73 -4.86 4.55 15.81
C LYS A 73 -3.71 3.57 15.84
N LYS A 74 -3.77 2.60 16.75
CA LYS A 74 -2.68 1.61 16.87
C LYS A 74 -2.51 0.71 15.66
N TRP A 75 -3.33 0.86 14.62
CA TRP A 75 -3.17 0.08 13.40
C TRP A 75 -2.39 0.80 12.33
N LEU A 76 -2.11 2.08 12.54
CA LEU A 76 -1.53 2.82 11.45
C LEU A 76 -0.16 3.35 11.78
N ASP A 77 0.67 3.38 10.75
CA ASP A 77 1.96 4.00 10.81
C ASP A 77 1.62 5.47 10.86
N LEU A 78 1.85 6.09 12.02
CA LEU A 78 1.63 7.54 12.15
C LEU A 78 2.79 8.34 12.76
N GLU A 79 4.01 8.18 12.25
CA GLU A 79 5.12 8.99 12.76
C GLU A 79 5.61 10.01 11.76
N ASN A 80 6.12 9.52 10.63
CA ASN A 80 6.82 10.33 9.64
C ASN A 80 5.89 11.18 8.79
N SER A 81 4.87 10.53 8.20
CA SER A 81 3.81 11.24 7.46
C SER A 81 3.00 12.09 8.44
N GLU A 82 3.05 11.68 9.72
CA GLU A 82 2.82 12.56 10.88
C GLU A 82 1.60 13.41 10.63
N HIS A 83 1.76 14.73 10.83
CA HIS A 83 0.68 15.68 11.01
C HIS A 83 -0.37 15.00 11.87
N VAL A 84 -0.09 14.75 13.15
CA VAL A 84 -1.23 14.50 14.01
C VAL A 84 -1.76 15.94 14.10
N GLU A 85 -2.71 16.19 13.20
CA GLU A 85 -3.22 17.51 12.89
C GLU A 85 -4.65 17.55 13.37
N ASN A 86 -5.15 16.39 13.77
CA ASN A 86 -6.38 16.25 14.51
C ASN A 86 -6.31 17.09 15.78
N VAL A 87 -5.15 17.67 16.09
CA VAL A 87 -4.97 18.45 17.32
C VAL A 87 -4.38 19.90 17.21
N CYS A 88 -5.06 20.85 16.51
CA CYS A 88 -4.62 22.28 16.38
C CYS A 88 -5.53 23.19 15.54
N LEU A 89 -5.65 24.52 15.91
CA LEU A 89 -6.26 25.61 15.04
C LEU A 89 -5.73 27.06 15.32
N GLN A 90 -6.42 28.14 14.83
CA GLN A 90 -5.86 29.53 14.79
C GLN A 90 -6.78 30.79 14.69
N ARG A 91 -7.04 31.41 15.85
CA ARG A 91 -7.93 32.55 16.01
C ARG A 91 -7.46 33.81 15.28
N GLU A 92 -6.14 34.02 15.30
CA GLU A 92 -5.48 35.06 14.57
C GLU A 92 -5.09 34.54 13.19
N GLN A 93 -5.09 35.44 12.22
CA GLN A 93 -4.97 35.14 10.84
C GLN A 93 -4.24 36.33 10.24
N SER A 94 -3.85 36.24 8.96
CA SER A 94 -3.03 37.28 8.27
C SER A 94 -3.73 38.63 8.01
N GLU A 95 -2.98 39.62 7.56
CA GLU A 95 -3.63 40.83 7.09
C GLU A 95 -4.67 40.49 5.98
N GLU A 96 -4.19 39.78 4.97
CA GLU A 96 -5.03 39.59 3.81
C GLU A 96 -6.38 39.05 4.23
N PHE A 97 -6.31 38.11 5.17
CA PHE A 97 -7.52 37.57 5.80
C PHE A 97 -8.28 38.69 6.50
N ASN A 98 -7.57 39.53 7.25
CA ASN A 98 -8.27 40.67 7.86
C ASN A 98 -8.88 41.61 6.84
N ASN A 99 -8.04 42.20 5.93
CA ASN A 99 -8.65 42.93 4.78
C ASN A 99 -9.96 42.32 4.21
N ILE A 100 -9.93 41.06 3.77
CA ILE A 100 -11.09 40.43 3.12
C ILE A 100 -12.32 40.32 4.03
N LYS A 101 -12.14 39.87 5.28
CA LYS A 101 -13.22 39.96 6.27
C LYS A 101 -13.72 41.47 6.47
N SER A 102 -12.82 42.46 6.56
CA SER A 102 -13.30 43.88 6.54
C SER A 102 -14.19 44.18 5.35
N GLU A 103 -13.87 43.63 4.19
CA GLU A 103 -14.60 43.98 2.97
C GLU A 103 -15.94 43.25 2.93
N MET A 104 -15.94 42.02 3.44
CA MET A 104 -17.16 41.26 3.65
C MET A 104 -18.09 42.01 4.59
N GLU A 105 -17.51 42.69 5.58
CA GLU A 105 -18.23 43.41 6.62
C GLU A 105 -18.90 44.64 6.01
N LYS A 106 -18.18 45.27 5.09
CA LYS A 106 -18.78 46.29 4.26
C LYS A 106 -19.92 45.67 3.49
N ASN A 107 -19.65 44.70 2.61
CA ASN A 107 -20.72 44.19 1.79
C ASN A 107 -22.00 43.91 2.62
N PHE A 108 -21.82 43.32 3.80
CA PHE A 108 -22.91 43.01 4.71
C PHE A 108 -23.67 44.26 5.14
N ARG A 109 -22.92 45.27 5.63
CA ARG A 109 -23.47 46.60 6.01
C ARG A 109 -24.43 47.05 4.91
N GLU A 110 -23.94 47.14 3.68
CA GLU A 110 -24.71 47.60 2.55
C GLU A 110 -25.97 46.80 2.29
N ARG A 111 -25.92 45.51 2.48
CA ARG A 111 -27.09 44.68 2.22
C ARG A 111 -28.16 44.99 3.24
N MET A 112 -27.74 45.08 4.48
CA MET A 112 -28.57 45.36 5.64
C MET A 112 -29.19 46.78 5.56
N ARG A 113 -28.42 47.78 5.12
CA ARG A 113 -28.93 49.12 4.87
C ARG A 113 -30.00 49.03 3.82
N TYR A 114 -29.69 48.28 2.77
CA TYR A 114 -30.46 48.30 1.54
C TYR A 114 -31.88 47.76 1.78
N TYR A 115 -32.06 47.02 2.86
CA TYR A 115 -33.36 46.50 3.25
C TYR A 115 -33.75 47.05 4.66
N LYS A 116 -32.98 46.74 5.70
CA LYS A 116 -33.46 46.83 7.10
C LYS A 116 -32.87 47.63 8.29
N ARG A 117 -31.70 47.18 8.79
CA ARG A 117 -31.29 47.40 10.17
C ARG A 117 -29.79 47.18 10.45
N LYS A 118 -29.24 47.77 11.52
CA LYS A 118 -27.84 47.53 12.00
C LYS A 118 -27.86 47.61 13.52
N VAL A 119 -26.69 47.76 14.19
CA VAL A 119 -26.64 48.17 15.63
C VAL A 119 -25.25 48.61 16.22
N PRO A 120 -25.11 48.70 17.57
CA PRO A 120 -23.85 48.59 18.38
C PRO A 120 -22.98 47.33 18.23
N GLY A 121 -23.57 46.19 17.83
CA GLY A 121 -22.82 45.10 17.21
C GLY A 121 -22.07 44.04 18.02
N ASN A 122 -20.74 44.13 18.00
CA ASN A 122 -19.85 43.12 18.54
C ASN A 122 -19.78 43.06 20.08
N ALA A 123 -20.08 44.17 20.79
CA ALA A 123 -19.85 44.33 22.24
C ALA A 123 -20.60 43.32 23.11
N HIS A 124 -19.89 42.62 24.02
CA HIS A 124 -20.23 41.20 24.39
C HIS A 124 -20.37 40.61 25.82
N GLU A 125 -20.58 39.28 25.83
CA GLU A 125 -21.02 38.44 26.95
C GLU A 125 -20.45 37.02 26.88
N GLN A 126 -19.87 36.69 25.72
CA GLN A 126 -19.23 35.41 25.54
C GLN A 126 -17.83 35.45 26.02
N VAL A 127 -17.35 36.68 26.21
CA VAL A 127 -16.13 36.98 26.90
C VAL A 127 -16.27 36.27 28.26
N VAL A 128 -17.46 36.34 28.88
CA VAL A 128 -17.73 35.82 30.24
C VAL A 128 -18.59 34.54 30.22
N SER A 129 -18.32 33.70 29.22
CA SER A 129 -18.94 32.37 28.94
C SER A 129 -19.36 31.49 30.15
N PHE A 130 -20.65 31.18 30.24
CA PHE A 130 -21.14 30.33 31.33
C PHE A 130 -21.61 28.97 30.80
N ASN A 131 -20.98 27.90 31.28
CA ASN A 131 -21.40 26.54 30.93
C ASN A 131 -22.24 25.84 31.99
N GLU A 132 -23.25 25.10 31.51
CA GLU A 132 -24.23 24.44 32.36
C GLU A 132 -24.29 22.94 32.11
N ASN A 133 -23.90 22.16 33.12
CA ASN A 133 -23.95 20.70 33.08
C ASN A 133 -25.36 20.17 32.88
N SER A 134 -25.51 19.23 31.95
CA SER A 134 -26.80 18.60 31.74
C SER A 134 -26.83 17.23 32.35
N LYS A 135 -27.94 16.93 33.02
CA LYS A 135 -28.25 15.59 33.45
C LYS A 135 -28.29 14.90 32.10
N PRO A 136 -28.09 13.56 32.08
CA PRO A 136 -28.31 12.77 30.86
C PRO A 136 -29.79 12.71 30.44
N GLU A 137 -30.29 13.88 30.04
CA GLU A 137 -31.52 14.00 29.28
C GLU A 137 -31.26 14.99 28.11
N ILE A 138 -30.44 14.54 27.16
CA ILE A 138 -30.17 15.25 25.92
C ILE A 138 -31.35 15.08 24.97
N ILE A 139 -32.42 15.83 25.22
CA ILE A 139 -33.50 15.95 24.25
C ILE A 139 -32.81 16.44 22.96
N SER A 140 -33.35 16.08 21.80
CA SER A 140 -32.71 16.41 20.48
C SER A 140 -32.42 17.91 20.22
N GLU A 141 -31.23 18.19 19.70
CA GLU A 141 -30.86 19.53 19.23
C GLU A 141 -31.54 19.87 17.88
N LYS A 142 -31.40 18.97 16.90
CA LYS A 142 -32.08 19.05 15.58
C LYS A 142 -32.11 17.65 14.88
N ASN A 143 -32.71 17.61 13.68
CA ASN A 143 -32.67 16.45 12.75
C ASN A 143 -33.13 15.05 13.28
N ASP A 144 -32.28 14.02 13.10
CA ASP A 144 -32.61 12.62 13.47
C ASP A 144 -32.00 12.08 14.81
N PRO A 145 -30.85 12.66 15.31
CA PRO A 145 -30.11 12.25 16.57
C PRO A 145 -30.51 12.81 17.98
N SER A 146 -29.91 12.21 19.02
CA SER A 146 -29.86 12.71 20.43
C SER A 146 -28.56 12.06 21.06
N PRO A 147 -28.47 11.91 22.41
CA PRO A 147 -27.14 11.74 23.04
C PRO A 147 -26.24 10.70 22.36
N ILE A 148 -24.95 10.76 22.65
CA ILE A 148 -23.96 9.96 21.96
C ILE A 148 -23.54 8.70 22.72
N GLU A 149 -23.92 7.55 22.20
CA GLU A 149 -23.53 6.31 22.81
C GLU A 149 -22.20 5.80 22.24
N TRP A 150 -21.10 6.17 22.87
CA TRP A 150 -19.78 6.09 22.25
C TRP A 150 -19.25 4.71 22.02
N ILE A 151 -18.26 4.62 21.12
CA ILE A 151 -17.54 3.37 20.86
C ILE A 151 -16.04 3.36 21.28
N PHE A 152 -15.72 2.53 22.28
CA PHE A 152 -14.37 2.46 22.90
C PHE A 152 -13.47 1.29 22.43
N ASP A 153 -14.08 0.24 21.88
CA ASP A 153 -13.38 -0.97 21.38
C ASP A 153 -12.54 -0.73 20.10
N ASP A 154 -11.25 -0.44 20.26
CA ASP A 154 -10.40 -0.17 19.10
C ASP A 154 -9.72 -1.43 18.61
N SER A 155 -10.50 -2.49 18.50
CA SER A 155 -10.01 -3.76 17.98
C SER A 155 -10.67 -4.08 16.67
N LYS A 156 -11.49 -3.17 16.14
CA LYS A 156 -12.03 -3.33 14.77
C LYS A 156 -12.26 -1.99 14.06
N LEU A 157 -12.53 -2.04 12.74
CA LEU A 157 -12.86 -0.87 11.96
C LEU A 157 -14.34 -0.63 12.12
N TYR A 158 -14.79 0.62 12.16
CA TYR A 158 -16.24 0.88 12.13
C TYR A 158 -16.59 1.70 10.93
N TYR A 159 -17.87 1.70 10.57
CA TYR A 159 -18.39 2.25 9.31
C TYR A 159 -19.61 3.16 9.53
N GLY A 160 -19.69 4.23 8.74
CA GLY A 160 -20.85 5.14 8.75
C GLY A 160 -21.13 5.90 10.03
N SER A 161 -22.34 5.73 10.53
CA SER A 161 -22.76 6.41 11.74
C SER A 161 -22.08 5.74 12.93
N ASP A 162 -21.71 4.49 12.76
CA ASP A 162 -21.00 3.81 13.85
C ASP A 162 -19.67 4.49 13.95
N ALA A 163 -19.05 4.78 12.79
CA ALA A 163 -17.74 5.38 12.85
C ALA A 163 -17.83 6.73 13.61
N LEU A 164 -18.94 7.43 13.45
CA LEU A 164 -19.12 8.77 14.02
C LEU A 164 -19.13 8.82 15.55
N ARG A 165 -19.35 7.67 16.19
CA ARG A 165 -19.25 7.61 17.65
C ARG A 165 -17.96 7.02 18.23
N CYS A 166 -17.01 6.67 17.37
CA CYS A 166 -15.71 6.20 17.83
C CYS A 166 -14.92 7.34 18.44
N VAL A 167 -14.41 7.14 19.64
CA VAL A 167 -13.75 8.20 20.42
C VAL A 167 -12.42 8.59 19.75
N ASP A 168 -12.16 9.88 19.53
CA ASP A 168 -10.98 10.13 18.68
C ASP A 168 -9.56 10.03 19.29
N GLU A 169 -9.51 9.74 20.59
CA GLU A 169 -8.25 9.43 21.27
C GLU A 169 -7.79 8.01 20.97
N LYS A 170 -8.68 7.22 20.36
CA LYS A 170 -8.41 5.84 20.01
C LYS A 170 -8.48 5.55 18.50
N PHE A 171 -9.29 6.35 17.79
CA PHE A 171 -9.59 6.20 16.39
C PHE A 171 -9.31 7.45 15.54
N VAL A 172 -9.01 7.20 14.27
CA VAL A 172 -8.83 8.18 13.25
C VAL A 172 -9.91 7.88 12.19
N ILE A 173 -10.37 8.90 11.46
CA ILE A 173 -11.37 8.69 10.46
C ILE A 173 -10.80 8.86 9.06
N ARG A 174 -10.95 7.86 8.20
CA ARG A 174 -10.75 8.11 6.77
C ARG A 174 -12.06 8.08 5.99
N LYS A 175 -12.04 8.69 4.82
CA LYS A 175 -13.19 8.87 4.01
C LYS A 175 -12.81 8.38 2.60
N PRO A 176 -13.41 7.24 2.19
CA PRO A 176 -13.12 6.62 0.92
C PRO A 176 -13.53 7.53 -0.25
N PHE A 177 -14.57 8.34 -0.08
CA PHE A 177 -15.07 9.17 -1.21
C PHE A 177 -14.71 10.69 -1.17
N ARG A 178 -14.22 11.29 -2.25
CA ARG A 178 -14.33 12.78 -2.45
C ARG A 178 -15.35 13.10 -3.52
N GLY A 179 -16.58 13.21 -3.05
CA GLY A 179 -17.72 13.54 -3.88
C GLY A 179 -17.93 12.90 -5.23
N GLY A 180 -18.06 11.58 -5.30
CA GLY A 180 -18.28 10.98 -6.60
C GLY A 180 -17.03 10.19 -6.88
N SER A 181 -15.87 10.82 -6.79
CA SER A 181 -14.60 10.16 -7.05
C SER A 181 -14.00 9.53 -5.80
N PHE A 182 -12.83 8.89 -5.94
CA PHE A 182 -12.21 8.15 -4.85
C PHE A 182 -11.25 9.14 -4.21
N ASN A 183 -11.13 9.08 -2.90
CA ASN A 183 -10.46 10.14 -2.15
C ASN A 183 -8.98 9.89 -2.15
N VAL A 184 -8.36 10.14 -3.27
CA VAL A 184 -6.96 9.82 -3.47
C VAL A 184 -6.00 10.64 -2.59
N LYS A 185 -6.38 11.87 -2.27
CA LYS A 185 -5.51 12.77 -1.49
C LYS A 185 -5.47 12.46 0.00
N SER A 186 -6.31 11.54 0.48
CA SER A 186 -6.35 11.22 1.90
C SER A 186 -5.03 10.64 2.23
N PRO A 187 -4.47 10.96 3.40
CA PRO A 187 -3.15 10.37 3.72
C PRO A 187 -3.26 9.08 4.56
N TYR A 188 -4.47 8.66 4.89
CA TYR A 188 -4.66 7.46 5.72
C TYR A 188 -4.74 6.16 4.92
N TYR A 189 -4.59 6.29 3.61
CA TYR A 189 -4.62 5.14 2.76
C TYR A 189 -3.25 4.95 2.14
N LYS A 190 -2.69 3.77 2.26
CA LYS A 190 -1.43 3.46 1.58
C LYS A 190 -1.55 2.98 0.15
N SER A 191 -2.75 2.63 -0.33
CA SER A 191 -2.86 2.08 -1.69
C SER A 191 -4.30 2.10 -2.08
N LEU A 192 -4.59 1.95 -3.39
CA LEU A 192 -5.97 1.64 -3.81
C LEU A 192 -6.55 0.45 -3.08
N ALA A 193 -5.83 -0.66 -2.99
CA ALA A 193 -6.42 -1.85 -2.40
C ALA A 193 -7.05 -1.43 -1.08
N GLU A 194 -6.31 -0.66 -0.26
CA GLU A 194 -6.80 -0.27 1.06
C GLU A 194 -8.08 0.51 0.92
N LEU A 195 -8.09 1.43 -0.04
CA LEU A 195 -9.16 2.40 -0.24
C LEU A 195 -10.40 1.67 -0.68
N ILE A 196 -10.19 0.64 -1.45
CA ILE A 196 -11.31 -0.03 -2.09
C ILE A 196 -11.91 -0.99 -1.04
N SER A 197 -11.06 -1.52 -0.18
CA SER A 197 -11.57 -2.46 0.78
C SER A 197 -12.52 -1.74 1.68
N ASP A 198 -12.24 -0.48 2.02
CA ASP A 198 -13.27 0.18 2.81
C ASP A 198 -14.33 0.88 1.98
N VAL A 199 -14.11 1.07 0.69
CA VAL A 199 -15.26 1.37 -0.11
C VAL A 199 -16.26 0.21 -0.03
N THR A 200 -15.78 -1.03 -0.23
CA THR A 200 -16.71 -2.15 -0.43
C THR A 200 -17.36 -2.51 0.90
N LYS A 201 -16.63 -2.34 1.98
CA LYS A 201 -17.14 -2.59 3.32
C LYS A 201 -18.01 -1.48 3.82
N LEU A 202 -17.82 -0.29 3.25
CA LEU A 202 -18.72 0.80 3.53
C LEU A 202 -20.00 0.58 2.77
N LEU A 203 -19.91 0.13 1.53
CA LEU A 203 -21.10 -0.16 0.75
C LEU A 203 -21.90 -1.30 1.35
N GLU A 204 -21.19 -2.32 1.81
CA GLU A 204 -21.82 -3.46 2.46
C GLU A 204 -22.54 -3.06 3.73
N HIS A 205 -21.89 -2.26 4.54
CA HIS A 205 -22.50 -1.82 5.79
C HIS A 205 -23.82 -1.12 5.50
N ALA A 206 -23.78 -0.22 4.51
CA ALA A 206 -24.96 0.52 4.09
C ALA A 206 -25.98 -0.44 3.63
N LEU A 207 -25.70 -1.22 2.59
CA LEU A 207 -26.65 -2.23 2.14
C LEU A 207 -27.25 -3.16 3.25
N ASN A 208 -26.62 -3.18 4.43
CA ASN A 208 -27.12 -4.05 5.49
C ASN A 208 -27.65 -3.22 6.70
N SER A 209 -28.97 -3.04 6.78
CA SER A 209 -29.50 -1.86 7.46
C SER A 209 -30.96 -2.06 7.66
N GLU A 210 -31.51 -1.43 8.70
CA GLU A 210 -32.92 -1.67 9.03
C GLU A 210 -33.80 -1.67 7.76
N THR A 211 -33.61 -0.68 6.87
CA THR A 211 -34.54 -0.49 5.75
C THR A 211 -34.18 -1.22 4.44
N LEU A 212 -32.90 -1.49 4.19
CA LEU A 212 -32.45 -2.33 3.07
C LEU A 212 -31.70 -3.46 3.67
N ASN A 213 -32.08 -4.69 3.41
CA ASN A 213 -31.39 -5.74 4.16
C ASN A 213 -30.84 -6.73 3.21
N VAL A 214 -29.78 -6.28 2.55
CA VAL A 214 -29.20 -6.97 1.43
C VAL A 214 -27.78 -7.32 1.83
N LYS A 215 -27.57 -8.60 2.05
CA LYS A 215 -26.26 -9.10 2.42
C LYS A 215 -25.41 -9.33 1.18
N PRO A 216 -24.08 -9.40 1.36
CA PRO A 216 -23.15 -9.59 0.24
C PRO A 216 -23.38 -10.84 -0.61
N THR A 217 -23.84 -11.94 -0.03
CA THR A 217 -24.05 -13.16 -0.84
C THR A 217 -25.31 -13.06 -1.68
N LYS A 218 -25.97 -11.91 -1.64
CA LYS A 218 -27.21 -11.72 -2.39
C LYS A 218 -27.08 -10.56 -3.33
N PHE A 219 -25.92 -9.92 -3.28
CA PHE A 219 -25.55 -8.86 -4.20
C PHE A 219 -25.72 -9.29 -5.64
N ASN A 220 -25.53 -10.58 -5.97
CA ASN A 220 -25.59 -10.97 -7.38
C ASN A 220 -27.00 -11.07 -7.93
N GLN A 221 -27.96 -10.67 -7.12
CA GLN A 221 -29.35 -10.57 -7.53
C GLN A 221 -29.67 -9.13 -7.90
N TYR A 222 -28.76 -8.20 -7.65
CA TYR A 222 -29.05 -6.77 -7.88
C TYR A 222 -28.25 -6.08 -9.02
N LYS A 223 -28.92 -5.17 -9.70
CA LYS A 223 -28.22 -4.23 -10.52
C LYS A 223 -28.16 -2.84 -9.83
N VAL A 224 -27.25 -2.00 -10.30
CA VAL A 224 -26.91 -0.79 -9.67
C VAL A 224 -26.95 0.32 -10.72
N VAL A 225 -27.60 1.42 -10.34
CA VAL A 225 -27.48 2.66 -11.06
C VAL A 225 -26.51 3.50 -10.25
N LEU A 226 -25.40 3.90 -10.86
CA LEU A 226 -24.36 4.65 -10.16
C LEU A 226 -24.33 6.16 -10.57
N VAL A 227 -24.30 7.06 -9.60
CA VAL A 227 -24.20 8.47 -9.96
C VAL A 227 -22.74 8.85 -9.89
N ILE A 228 -22.32 9.64 -10.88
CA ILE A 228 -20.94 9.88 -11.20
C ILE A 228 -20.84 11.40 -11.47
N PRO A 229 -19.73 12.07 -11.12
CA PRO A 229 -19.73 13.56 -11.37
C PRO A 229 -19.83 13.92 -12.88
N ASP A 230 -20.15 15.16 -13.22
CA ASP A 230 -20.19 15.58 -14.62
C ASP A 230 -18.81 15.46 -15.26
N ILE A 231 -17.80 15.96 -14.59
CA ILE A 231 -16.46 15.75 -15.06
C ILE A 231 -15.87 14.68 -14.16
N PHE A 232 -16.17 13.43 -14.51
CA PHE A 232 -15.71 12.27 -13.79
C PHE A 232 -14.31 12.00 -14.28
N LYS A 233 -13.51 11.34 -13.45
CA LYS A 233 -12.24 10.83 -13.89
C LYS A 233 -12.50 9.38 -14.31
N LYS A 234 -12.26 9.11 -15.61
CA LYS A 234 -12.43 7.77 -16.17
C LYS A 234 -11.76 6.66 -15.34
N SER A 235 -10.64 6.92 -14.70
CA SER A 235 -10.03 5.81 -14.04
C SER A 235 -10.83 5.47 -12.81
N HIS A 236 -11.41 6.49 -12.18
CA HIS A 236 -12.27 6.19 -11.02
C HIS A 236 -13.56 5.47 -11.41
N VAL A 237 -14.28 6.04 -12.39
CA VAL A 237 -15.50 5.40 -12.89
C VAL A 237 -15.26 3.91 -13.24
N GLU A 238 -14.21 3.68 -14.02
CA GLU A 238 -13.99 2.37 -14.54
C GLU A 238 -13.64 1.45 -13.40
N THR A 239 -12.78 1.89 -12.51
CA THR A 239 -12.46 1.13 -11.32
C THR A 239 -13.71 0.75 -10.50
N PHE A 240 -14.68 1.64 -10.49
CA PHE A 240 -15.79 1.48 -9.58
C PHE A 240 -16.66 0.39 -10.20
N ILE A 241 -16.83 0.46 -11.52
CA ILE A 241 -17.64 -0.50 -12.27
C ILE A 241 -16.97 -1.88 -12.06
N ARG A 242 -15.67 -1.95 -12.35
CA ARG A 242 -14.85 -3.14 -12.08
C ARG A 242 -15.12 -3.70 -10.67
N VAL A 243 -14.98 -2.87 -9.63
CA VAL A 243 -15.32 -3.27 -8.29
C VAL A 243 -16.76 -3.76 -8.15
N LEU A 244 -17.76 -2.97 -8.50
CA LEU A 244 -19.14 -3.43 -8.31
C LEU A 244 -19.50 -4.74 -8.98
N LEU A 245 -18.93 -5.02 -10.15
CA LEU A 245 -19.27 -6.24 -10.91
C LEU A 245 -18.37 -7.43 -10.54
N THR A 246 -17.06 -7.15 -10.50
CA THR A 246 -16.09 -8.19 -10.31
C THR A 246 -15.91 -8.55 -8.86
N GLU A 247 -15.89 -7.59 -7.92
CA GLU A 247 -15.74 -7.99 -6.50
C GLU A 247 -16.96 -8.06 -5.61
N LEU A 248 -17.82 -7.08 -5.70
CA LEU A 248 -19.10 -7.10 -5.01
C LEU A 248 -20.11 -8.04 -5.77
N GLN A 249 -19.86 -8.25 -7.07
CA GLN A 249 -20.59 -9.22 -7.88
C GLN A 249 -22.04 -8.80 -8.18
N PHE A 250 -22.26 -7.52 -8.42
CA PHE A 250 -23.58 -7.08 -8.86
C PHE A 250 -23.90 -7.55 -10.27
N GLN A 251 -25.19 -7.77 -10.57
CA GLN A 251 -25.62 -8.29 -11.89
C GLN A 251 -25.08 -7.42 -13.02
N ALA A 252 -25.14 -6.09 -12.82
CA ALA A 252 -24.97 -5.06 -13.87
C ALA A 252 -24.87 -3.64 -13.30
N VAL A 253 -24.20 -2.72 -14.02
CA VAL A 253 -24.09 -1.35 -13.58
C VAL A 253 -24.48 -0.33 -14.67
N ALA A 254 -25.13 0.76 -14.28
CA ALA A 254 -25.39 1.84 -15.21
C ALA A 254 -25.00 3.14 -14.54
N ILE A 255 -24.45 4.07 -15.32
CA ILE A 255 -23.95 5.28 -14.75
C ILE A 255 -24.71 6.49 -15.25
N ILE A 256 -24.68 7.58 -14.46
CA ILE A 256 -25.28 8.87 -14.86
C ILE A 256 -24.56 10.04 -14.21
N GLN A 257 -24.56 11.19 -14.88
CA GLN A 257 -23.79 12.34 -14.41
C GLN A 257 -24.68 13.12 -13.51
N GLU A 258 -24.09 13.69 -12.48
CA GLU A 258 -24.83 14.43 -11.47
C GLU A 258 -25.86 15.39 -12.01
N SER A 259 -25.45 16.28 -12.90
CA SER A 259 -26.40 17.25 -13.39
C SER A 259 -27.60 16.65 -14.13
N LEU A 260 -27.45 15.48 -14.75
CA LEU A 260 -28.57 14.97 -15.56
C LEU A 260 -29.49 14.35 -14.53
N ALA A 261 -28.88 13.64 -13.57
CA ALA A 261 -29.65 13.10 -12.48
C ALA A 261 -30.39 14.24 -11.81
N THR A 262 -29.79 15.42 -11.69
CA THR A 262 -30.54 16.39 -10.87
C THR A 262 -31.72 16.89 -11.62
N CYS A 263 -31.63 16.85 -12.96
CA CYS A 263 -32.73 17.23 -13.83
C CYS A 263 -33.86 16.19 -13.85
N TYR A 264 -33.48 14.91 -13.70
CA TYR A 264 -34.44 13.85 -13.66
C TYR A 264 -35.17 13.95 -12.34
N GLY A 265 -34.41 14.27 -11.28
CA GLY A 265 -34.92 14.48 -9.94
C GLY A 265 -35.87 15.65 -9.79
N ALA A 266 -35.83 16.62 -10.69
CA ALA A 266 -36.76 17.73 -10.72
C ALA A 266 -37.68 17.68 -11.98
N GLY A 267 -37.15 18.17 -13.11
CA GLY A 267 -37.87 18.32 -14.41
C GLY A 267 -36.80 18.53 -15.49
N ILE A 268 -36.84 17.67 -16.51
CA ILE A 268 -35.75 17.47 -17.49
C ILE A 268 -36.10 18.10 -18.85
N SER A 269 -37.39 18.24 -19.15
CA SER A 269 -37.70 18.79 -20.46
C SER A 269 -36.76 19.98 -20.80
N THR A 270 -36.66 20.97 -19.93
CA THR A 270 -36.07 22.25 -20.31
C THR A 270 -34.54 22.21 -20.47
N SER A 271 -34.00 23.35 -20.88
CA SER A 271 -32.60 23.61 -20.73
C SER A 271 -32.46 24.21 -19.33
N THR A 272 -31.49 23.73 -18.56
CA THR A 272 -31.34 24.19 -17.19
C THR A 272 -29.90 24.17 -16.67
N CYS A 273 -29.58 25.07 -15.74
CA CYS A 273 -28.27 25.16 -15.13
C CYS A 273 -28.28 24.66 -13.69
N VAL A 274 -27.51 23.61 -13.42
CA VAL A 274 -27.42 23.04 -12.09
C VAL A 274 -26.19 23.50 -11.29
N VAL A 275 -26.46 24.09 -10.12
CA VAL A 275 -25.46 24.48 -9.15
C VAL A 275 -25.60 23.49 -8.04
N ASN A 276 -24.56 22.67 -7.87
CA ASN A 276 -24.50 21.64 -6.82
C ASN A 276 -23.50 22.05 -5.72
N ILE A 277 -23.97 22.35 -4.52
CA ILE A 277 -23.03 22.73 -3.45
C ILE A 277 -22.75 21.56 -2.49
N GLY A 278 -21.52 21.05 -2.56
CA GLY A 278 -21.10 20.01 -1.72
C GLY A 278 -20.18 20.48 -0.60
N ALA A 279 -19.61 19.49 0.11
CA ALA A 279 -18.75 19.73 1.21
C ALA A 279 -17.43 20.37 0.72
N ALA A 280 -16.72 19.70 -0.15
CA ALA A 280 -15.42 20.16 -0.54
C ALA A 280 -15.50 20.92 -1.84
N GLU A 281 -16.53 20.75 -2.64
CA GLU A 281 -16.48 21.37 -3.95
C GLU A 281 -17.85 21.81 -4.32
N THR A 282 -17.94 22.82 -5.20
CA THR A 282 -19.21 23.27 -5.76
C THR A 282 -19.19 22.99 -7.27
N ARG A 283 -20.19 22.27 -7.79
CA ARG A 283 -20.14 21.92 -9.22
C ARG A 283 -21.28 22.56 -9.94
N ILE A 284 -20.97 23.25 -11.05
CA ILE A 284 -21.94 23.94 -11.89
C ILE A 284 -21.82 23.42 -13.33
N ALA A 285 -22.95 23.30 -14.02
CA ALA A 285 -22.96 22.69 -15.35
C ALA A 285 -24.30 23.00 -16.00
N CYS A 286 -24.35 23.12 -17.32
CA CYS A 286 -25.64 23.23 -17.95
C CYS A 286 -26.06 21.97 -18.68
N VAL A 287 -27.36 21.77 -18.78
CA VAL A 287 -27.91 20.59 -19.38
C VAL A 287 -28.96 20.99 -20.38
N ASP A 288 -28.86 20.46 -21.58
CA ASP A 288 -29.78 20.81 -22.63
C ASP A 288 -30.17 19.57 -23.37
N GLU A 289 -31.47 19.29 -23.38
CA GLU A 289 -31.99 18.22 -24.17
C GLU A 289 -31.25 16.90 -23.97
N GLY A 290 -31.11 16.51 -22.71
CA GLY A 290 -30.66 15.18 -22.41
C GLY A 290 -29.19 15.16 -22.14
N THR A 291 -28.45 16.19 -22.55
CA THR A 291 -27.02 16.12 -22.42
C THR A 291 -26.37 17.19 -21.47
N VAL A 292 -25.25 16.83 -20.84
CA VAL A 292 -24.59 17.75 -19.92
C VAL A 292 -23.50 18.38 -20.78
N LEU A 293 -23.52 19.69 -20.87
CA LEU A 293 -22.74 20.35 -21.85
C LEU A 293 -21.33 20.49 -21.33
N GLU A 294 -20.42 19.77 -21.95
CA GLU A 294 -19.03 19.70 -21.47
C GLU A 294 -18.40 21.04 -21.05
N HIS A 295 -18.52 22.03 -21.93
CA HIS A 295 -17.83 23.30 -21.76
C HIS A 295 -18.57 24.22 -20.90
N SER A 296 -19.63 23.71 -20.28
CA SER A 296 -20.30 24.51 -19.25
C SER A 296 -19.81 24.09 -17.88
N ALA A 297 -19.22 22.91 -17.77
CA ALA A 297 -18.96 22.40 -16.42
C ALA A 297 -17.83 23.18 -15.69
N ILE A 298 -18.09 23.52 -14.46
CA ILE A 298 -17.08 24.17 -13.63
C ILE A 298 -17.09 23.37 -12.35
N THR A 299 -15.89 23.08 -11.83
CA THR A 299 -15.72 22.55 -10.47
C THR A 299 -14.98 23.57 -9.64
N LEU A 300 -15.67 24.13 -8.65
CA LEU A 300 -15.13 25.18 -7.82
C LEU A 300 -14.59 24.50 -6.60
N ASP A 301 -13.39 24.89 -6.14
CA ASP A 301 -12.75 24.18 -5.02
C ASP A 301 -13.08 24.58 -3.59
N TYR A 302 -14.34 24.79 -3.35
CA TYR A 302 -14.77 25.20 -2.06
C TYR A 302 -16.22 24.77 -2.01
N GLY A 303 -16.78 24.67 -0.81
CA GLY A 303 -18.16 24.25 -0.61
C GLY A 303 -18.49 24.36 0.85
N GLY A 304 -19.46 23.55 1.27
CA GLY A 304 -19.98 23.70 2.60
C GLY A 304 -18.95 23.58 3.70
N ASP A 305 -17.80 23.01 3.34
CA ASP A 305 -16.80 22.68 4.32
C ASP A 305 -15.96 23.88 4.72
N ASP A 306 -15.75 24.77 3.75
CA ASP A 306 -15.11 26.03 4.02
C ASP A 306 -16.05 26.97 4.73
N ILE A 307 -17.35 26.88 4.46
CA ILE A 307 -18.31 27.71 5.19
C ILE A 307 -18.17 27.31 6.66
N THR A 308 -18.22 26.02 6.92
CA THR A 308 -18.08 25.49 8.26
C THR A 308 -16.82 25.97 8.95
N ARG A 309 -15.67 25.91 8.26
CA ARG A 309 -14.39 26.37 8.80
C ARG A 309 -14.44 27.90 9.04
N LEU A 310 -14.90 28.65 8.04
CA LEU A 310 -15.06 30.08 8.23
C LEU A 310 -15.89 30.45 9.44
N PHE A 311 -17.05 29.78 9.55
CA PHE A 311 -17.94 30.01 10.66
C PHE A 311 -17.20 29.75 11.96
N ALA A 312 -16.60 28.58 12.12
CA ALA A 312 -15.85 28.33 13.35
C ALA A 312 -14.93 29.51 13.65
N LEU A 313 -14.06 29.89 12.71
CA LEU A 313 -13.11 31.02 12.85
C LEU A 313 -13.75 32.30 13.29
N PHE A 314 -14.86 32.62 12.63
CA PHE A 314 -15.55 33.86 12.90
C PHE A 314 -16.05 33.81 14.30
N LEU A 315 -16.52 32.63 14.74
CA LEU A 315 -16.98 32.48 16.10
C LEU A 315 -15.84 32.66 17.07
N LEU A 316 -14.70 32.03 16.77
CA LEU A 316 -13.54 32.24 17.58
C LEU A 316 -13.18 33.72 17.72
N GLN A 317 -13.33 34.47 16.63
CA GLN A 317 -12.92 35.87 16.57
C GLN A 317 -13.93 36.80 17.25
N SER A 318 -15.09 36.23 17.57
CA SER A 318 -16.12 36.90 18.33
C SER A 318 -16.19 36.22 19.69
N ASP A 319 -15.05 35.66 20.10
CA ASP A 319 -14.80 35.17 21.46
C ASP A 319 -15.72 34.05 21.94
N PHE A 320 -15.94 33.09 21.06
CA PHE A 320 -16.65 31.85 21.35
C PHE A 320 -16.11 31.17 22.62
N PRO A 321 -17.02 30.74 23.51
CA PRO A 321 -16.61 30.19 24.82
C PRO A 321 -15.67 28.97 24.76
N LEU A 322 -15.72 28.17 23.70
CA LEU A 322 -14.73 27.12 23.54
C LEU A 322 -13.56 27.60 22.70
N GLN A 323 -12.52 28.17 23.32
CA GLN A 323 -11.45 28.81 22.54
C GLN A 323 -10.42 27.86 21.89
N ASP A 324 -10.11 26.74 22.51
CA ASP A 324 -9.25 25.77 21.84
C ASP A 324 -10.13 24.80 21.06
N TRP A 325 -10.39 25.11 19.80
CA TRP A 325 -11.29 24.31 18.97
C TRP A 325 -10.51 23.34 18.08
N LYS A 326 -10.47 22.06 18.42
CA LYS A 326 -9.71 21.12 17.58
C LYS A 326 -10.53 20.75 16.32
N ILE A 327 -10.42 21.62 15.33
CA ILE A 327 -11.35 21.63 14.23
C ILE A 327 -11.20 20.49 13.24
N ASP A 328 -10.01 19.94 13.12
CA ASP A 328 -9.84 18.82 12.18
C ASP A 328 -9.97 17.47 12.84
N SER A 329 -10.24 17.49 14.14
CA SER A 329 -10.61 16.33 14.88
C SER A 329 -12.07 16.04 14.59
N LYS A 330 -12.48 14.79 14.71
CA LYS A 330 -13.87 14.46 14.51
C LYS A 330 -14.83 15.27 15.42
N HIS A 331 -14.53 15.29 16.72
CA HIS A 331 -15.48 15.86 17.66
C HIS A 331 -15.72 17.31 17.35
N GLY A 332 -14.68 18.04 16.99
CA GLY A 332 -14.77 19.49 16.82
C GLY A 332 -15.36 19.87 15.48
N TRP A 333 -14.97 19.10 14.48
CA TRP A 333 -15.56 19.25 13.18
C TRP A 333 -17.09 19.04 13.22
N LEU A 334 -17.53 17.95 13.83
CA LEU A 334 -18.96 17.70 13.99
C LEU A 334 -19.63 18.93 14.60
N LEU A 335 -19.05 19.47 15.69
CA LEU A 335 -19.56 20.67 16.36
C LEU A 335 -19.60 21.83 15.37
N ALA A 336 -18.50 22.05 14.64
CA ALA A 336 -18.49 23.13 13.65
C ALA A 336 -19.56 22.97 12.59
N GLU A 337 -19.80 21.73 12.16
CA GLU A 337 -20.84 21.44 11.16
C GLU A 337 -22.26 21.69 11.67
N ARG A 338 -22.52 21.28 12.92
CA ARG A 338 -23.83 21.38 13.52
C ARG A 338 -24.21 22.86 13.51
N LEU A 339 -23.39 23.68 14.17
CA LEU A 339 -23.70 25.07 14.40
C LEU A 339 -23.96 25.78 13.10
N LYS A 340 -23.11 25.55 12.10
CA LYS A 340 -23.24 26.31 10.87
C LYS A 340 -24.50 25.94 10.12
N LYS A 341 -24.75 24.65 10.01
CA LYS A 341 -26.00 24.12 9.50
C LYS A 341 -27.23 24.64 10.30
N ASN A 342 -27.10 24.84 11.61
CA ASN A 342 -28.25 25.28 12.39
C ASN A 342 -28.46 26.76 12.21
N PHE A 343 -27.36 27.48 12.02
CA PHE A 343 -27.36 28.92 12.25
C PHE A 343 -27.04 29.87 11.10
N THR A 344 -26.45 29.43 9.98
CA THR A 344 -26.01 30.38 8.95
C THR A 344 -27.10 30.75 7.96
N THR A 345 -27.31 32.02 7.67
CA THR A 345 -28.45 32.42 6.82
C THR A 345 -27.99 33.49 5.90
N PHE A 346 -28.73 33.69 4.82
CA PHE A 346 -28.61 34.87 4.02
C PHE A 346 -29.86 35.71 4.23
N GLN A 347 -30.67 35.28 5.20
CA GLN A 347 -31.96 35.89 5.43
C GLN A 347 -31.81 37.16 6.22
N ASP A 348 -31.64 38.29 5.52
CA ASP A 348 -31.52 39.61 6.18
C ASP A 348 -32.64 39.91 7.18
N ALA A 349 -33.84 39.40 6.89
CA ALA A 349 -34.98 39.57 7.79
C ALA A 349 -34.68 39.09 9.19
N ASP A 350 -33.90 38.03 9.30
CA ASP A 350 -33.66 37.43 10.61
C ASP A 350 -32.32 37.79 11.27
N VAL A 351 -31.55 38.71 10.70
CA VAL A 351 -30.24 38.93 11.29
C VAL A 351 -30.32 39.94 12.43
N ALA A 352 -30.04 39.46 13.63
CA ALA A 352 -30.22 40.24 14.85
C ALA A 352 -29.22 39.78 15.91
N VAL A 353 -28.75 40.69 16.76
CA VAL A 353 -27.96 40.34 17.95
C VAL A 353 -28.79 39.30 18.68
N GLN A 354 -28.38 38.03 18.56
CA GLN A 354 -29.18 36.91 19.01
C GLN A 354 -28.46 36.01 20.01
N LEU A 355 -29.25 35.26 20.76
CA LEU A 355 -28.74 34.31 21.73
C LEU A 355 -28.87 32.95 21.05
N TYR A 356 -27.75 32.24 20.92
CA TYR A 356 -27.75 30.87 20.44
C TYR A 356 -27.12 30.02 21.51
N ASN A 357 -27.43 28.73 21.44
CA ASN A 357 -26.89 27.77 22.38
C ASN A 357 -26.53 26.47 21.66
N PHE A 358 -25.88 25.58 22.39
CA PHE A 358 -25.45 24.29 21.86
C PHE A 358 -24.91 23.44 23.01
N MET A 359 -24.98 22.13 22.83
CA MET A 359 -24.39 21.22 23.78
C MET A 359 -23.12 20.61 23.22
N ASN A 360 -22.04 20.68 23.99
CA ASN A 360 -20.74 20.09 23.68
C ASN A 360 -20.60 18.73 24.38
N ARG A 361 -20.76 17.65 23.62
CA ARG A 361 -20.87 16.30 24.17
C ARG A 361 -19.53 15.71 24.49
N SER A 362 -19.58 14.76 25.40
CA SER A 362 -18.55 14.60 26.36
C SER A 362 -17.79 13.33 26.17
N PRO A 363 -16.66 13.43 25.46
CA PRO A 363 -15.82 12.26 25.17
C PRO A 363 -15.59 11.50 26.47
N ASN A 364 -15.23 12.24 27.54
CA ASN A 364 -15.11 11.73 28.91
C ASN A 364 -15.54 12.77 29.99
N GLN A 365 -16.60 13.53 29.72
CA GLN A 365 -17.07 14.52 30.69
C GLN A 365 -18.59 14.43 30.87
N PRO A 366 -19.14 15.28 31.76
CA PRO A 366 -20.57 15.55 31.68
C PRO A 366 -20.88 16.44 30.50
N THR A 367 -22.08 16.31 29.97
CA THR A 367 -22.49 17.08 28.83
C THR A 367 -22.66 18.53 29.24
N GLU A 368 -21.93 19.41 28.54
CA GLU A 368 -21.87 20.83 28.85
C GLU A 368 -22.65 21.70 27.86
N LYS A 369 -23.79 22.23 28.27
CA LYS A 369 -24.48 23.27 27.51
C LYS A 369 -23.78 24.60 27.64
N TYR A 370 -23.72 25.32 26.53
CA TYR A 370 -23.12 26.65 26.43
C TYR A 370 -24.15 27.55 25.72
N GLU A 371 -24.17 28.83 26.09
CA GLU A 371 -25.03 29.78 25.40
C GLU A 371 -24.14 30.85 24.84
N PHE A 372 -24.36 31.19 23.57
CA PHE A 372 -23.59 32.26 22.96
C PHE A 372 -24.48 33.22 22.14
N LYS A 373 -24.06 34.48 22.03
CA LYS A 373 -24.70 35.48 21.16
C LYS A 373 -23.99 35.57 19.79
N LEU A 374 -24.76 35.63 18.71
CA LEU A 374 -24.20 35.99 17.39
C LEU A 374 -24.93 37.17 16.80
N PHE A 375 -24.24 37.96 15.99
CA PHE A 375 -24.93 38.94 15.16
C PHE A 375 -24.70 38.69 13.70
N ASP A 376 -23.57 39.13 13.15
CA ASP A 376 -23.42 39.07 11.68
C ASP A 376 -22.62 37.85 11.18
N GLU A 377 -21.95 37.16 12.09
CA GLU A 377 -21.14 35.99 11.70
C GLU A 377 -21.97 34.93 10.96
N VAL A 378 -23.25 34.84 11.26
CA VAL A 378 -24.11 33.87 10.59
C VAL A 378 -24.25 34.09 9.07
N MET A 379 -23.98 35.30 8.62
CA MET A 379 -24.08 35.59 7.20
C MET A 379 -22.73 35.86 6.56
N LEU A 380 -21.84 36.54 7.26
CA LEU A 380 -20.49 36.70 6.79
C LEU A 380 -19.87 35.36 6.34
N ALA A 381 -20.08 34.28 7.10
CA ALA A 381 -19.41 33.07 6.79
C ALA A 381 -19.83 32.58 5.41
N PRO A 382 -21.16 32.38 5.19
CA PRO A 382 -21.51 31.91 3.84
C PRO A 382 -21.36 33.00 2.80
N LEU A 383 -21.24 34.28 3.19
CA LEU A 383 -21.07 35.31 2.18
C LEU A 383 -19.78 35.01 1.41
N ALA A 384 -18.95 34.13 2.01
CA ALA A 384 -17.60 33.78 1.51
C ALA A 384 -17.63 33.06 0.20
N LEU A 385 -18.80 32.50 -0.09
CA LEU A 385 -19.05 31.99 -1.40
C LEU A 385 -18.73 32.96 -2.52
N PHE A 386 -18.62 34.25 -2.19
CA PHE A 386 -18.36 35.29 -3.20
C PHE A 386 -17.02 35.98 -3.04
N PHE A 387 -16.38 35.73 -1.91
CA PHE A 387 -15.00 36.16 -1.67
C PHE A 387 -14.22 34.94 -1.28
N PRO A 388 -14.13 33.95 -2.19
CA PRO A 388 -13.62 32.65 -1.83
C PRO A 388 -12.15 32.66 -1.52
N GLN A 389 -11.40 33.67 -1.95
CA GLN A 389 -10.01 33.78 -1.52
C GLN A 389 -9.77 33.60 -0.02
N ILE A 390 -10.75 33.96 0.79
CA ILE A 390 -10.60 33.84 2.21
C ILE A 390 -10.62 32.37 2.61
N PHE A 391 -11.38 31.56 1.86
CA PHE A 391 -11.41 30.12 2.13
C PHE A 391 -9.98 29.61 1.94
N LYS A 392 -9.31 30.08 0.90
CA LYS A 392 -8.00 29.57 0.61
C LYS A 392 -7.07 29.85 1.78
N LEU A 393 -7.19 31.05 2.33
CA LEU A 393 -6.31 31.54 3.37
C LEU A 393 -6.32 30.70 4.62
N ILE A 394 -7.43 30.01 4.90
CA ILE A 394 -7.59 29.30 6.18
C ILE A 394 -7.47 27.75 6.13
N ARG A 395 -7.09 27.23 4.97
CA ARG A 395 -6.88 25.81 4.90
C ARG A 395 -5.52 25.48 4.32
N THR A 396 -4.97 24.35 4.75
CA THR A 396 -3.67 23.88 4.26
C THR A 396 -3.76 23.51 2.78
N SER A 397 -2.64 23.67 2.07
CA SER A 397 -2.58 23.34 0.64
C SER A 397 -2.61 21.83 0.48
N SER A 398 -3.19 21.37 -0.61
CA SER A 398 -3.33 19.92 -0.84
C SER A 398 -2.03 19.12 -0.65
N HIS A 399 -2.15 17.96 0.00
CA HIS A 399 -1.02 17.04 0.16
C HIS A 399 -1.38 15.62 -0.32
N LYS A 400 -1.72 15.51 -1.62
CA LYS A 400 -2.06 14.22 -2.26
C LYS A 400 -0.98 13.13 -2.17
N ASN A 401 -1.40 11.87 -2.05
CA ASN A 401 -0.46 10.72 -2.07
C ASN A 401 -0.07 10.43 -3.49
N SER A 402 1.23 10.53 -3.79
CA SER A 402 1.70 10.15 -5.11
C SER A 402 1.92 8.64 -5.14
N SER A 403 1.95 8.00 -3.96
CA SER A 403 1.97 6.53 -3.87
C SER A 403 0.61 5.99 -4.31
N LEU A 404 -0.46 6.64 -3.88
CA LEU A 404 -1.81 6.28 -4.25
C LEU A 404 -2.19 6.73 -5.66
N GLU A 405 -1.98 8.02 -5.96
CA GLU A 405 -2.28 8.62 -7.27
C GLU A 405 -1.56 7.94 -8.46
N PHE A 406 -0.35 7.51 -8.21
CA PHE A 406 0.41 6.73 -9.18
C PHE A 406 -0.34 5.45 -9.58
N GLN A 407 -1.19 4.93 -8.69
CA GLN A 407 -2.02 3.72 -8.94
C GLN A 407 -3.42 4.03 -9.52
N LEU A 408 -3.70 5.31 -9.73
CA LEU A 408 -4.89 5.68 -10.49
C LEU A 408 -4.58 6.69 -11.57
N PRO A 409 -3.65 6.33 -12.48
CA PRO A 409 -3.24 7.19 -13.60
C PRO A 409 -4.48 7.74 -14.24
N GLU A 410 -4.38 8.94 -14.78
CA GLU A 410 -5.48 9.54 -15.50
C GLU A 410 -5.67 8.87 -16.86
N SER A 411 -6.91 8.74 -17.29
CA SER A 411 -7.27 7.98 -18.46
C SER A 411 -6.62 8.55 -19.67
N ARG A 412 -6.22 7.69 -20.59
CA ARG A 412 -5.63 8.15 -21.84
C ARG A 412 -6.22 7.38 -23.03
N ASP A 413 -6.50 8.07 -24.13
CA ASP A 413 -6.95 7.40 -25.34
C ASP A 413 -5.94 6.30 -25.73
N LEU A 414 -6.42 5.08 -25.93
CA LEU A 414 -5.52 3.93 -26.17
C LEU A 414 -4.78 3.98 -27.54
N PHE A 415 -5.25 4.86 -28.42
CA PHE A 415 -4.61 5.10 -29.68
C PHE A 415 -3.67 6.32 -29.61
N THR A 416 -4.18 7.51 -29.29
CA THR A 416 -3.30 8.70 -29.27
C THR A 416 -2.49 8.91 -27.99
N ASN A 417 -2.93 8.27 -26.90
CA ASN A 417 -2.33 8.43 -25.55
C ASN A 417 -2.51 9.84 -24.95
N GLU A 418 -3.62 10.49 -25.29
CA GLU A 418 -3.91 11.85 -24.88
C GLU A 418 -4.91 11.82 -23.72
N LEU A 419 -4.73 12.69 -22.75
CA LEU A 419 -5.70 12.75 -21.67
C LEU A 419 -7.06 12.79 -22.34
N ASN A 420 -7.92 11.82 -22.00
CA ASN A 420 -9.25 11.79 -22.57
C ASN A 420 -10.43 11.87 -21.64
N ASP A 421 -10.27 12.35 -20.40
CA ASP A 421 -11.44 12.76 -19.59
C ASP A 421 -12.16 13.92 -20.27
N TRP A 422 -13.43 14.13 -19.98
CA TRP A 422 -14.11 15.40 -20.31
C TRP A 422 -13.21 16.47 -19.72
N ASN A 423 -13.11 17.60 -20.40
CA ASN A 423 -12.27 18.71 -19.95
C ASN A 423 -12.86 20.05 -20.41
N SER A 424 -13.34 20.84 -19.47
CA SER A 424 -14.29 21.91 -19.74
C SER A 424 -13.66 23.23 -19.92
N LEU A 425 -14.09 23.94 -20.97
CA LEU A 425 -13.58 25.29 -21.29
C LEU A 425 -13.77 26.14 -20.06
N SER A 426 -14.99 26.12 -19.50
CA SER A 426 -15.32 26.94 -18.31
C SER A 426 -14.51 26.65 -17.04
N GLN A 427 -14.12 25.41 -16.83
CA GLN A 427 -13.25 25.13 -15.72
C GLN A 427 -11.91 25.91 -15.97
N PHE A 428 -11.43 25.83 -17.19
CA PHE A 428 -10.14 26.35 -17.48
C PHE A 428 -10.09 27.88 -17.36
N GLU A 429 -11.10 28.55 -17.90
CA GLU A 429 -11.22 29.99 -17.74
C GLU A 429 -11.40 30.42 -16.29
N SER A 430 -12.32 29.77 -15.56
CA SER A 430 -12.62 30.28 -14.21
C SER A 430 -11.48 30.08 -13.24
N LYS A 431 -10.84 28.93 -13.36
CA LYS A 431 -9.67 28.63 -12.57
C LYS A 431 -8.60 29.72 -12.80
N GLU A 432 -8.36 30.05 -14.06
CA GLU A 432 -7.24 30.93 -14.46
C GLU A 432 -7.59 32.38 -14.19
N GLY A 433 -8.82 32.61 -13.74
CA GLY A 433 -9.35 33.96 -13.51
C GLY A 433 -9.70 34.81 -14.74
N ASN A 434 -9.96 34.17 -15.87
CA ASN A 434 -10.52 34.87 -17.01
C ASN A 434 -12.03 34.73 -17.05
N LEU A 435 -12.72 35.49 -16.20
CA LEU A 435 -14.16 35.52 -16.12
C LEU A 435 -14.76 36.72 -16.84
N TYR A 436 -15.69 36.47 -17.75
CA TYR A 436 -16.45 37.51 -18.41
C TYR A 436 -16.99 38.60 -17.48
N CYS A 437 -17.49 38.24 -16.30
CA CYS A 437 -17.94 39.24 -15.35
C CYS A 437 -16.87 40.25 -14.93
N ASP A 438 -15.60 39.95 -15.15
CA ASP A 438 -14.51 40.84 -14.76
C ASP A 438 -13.99 41.67 -15.92
N LEU A 439 -14.67 41.63 -17.06
CA LEU A 439 -14.28 42.42 -18.19
C LEU A 439 -15.14 43.67 -18.31
N ASN A 440 -14.54 44.82 -18.66
CA ASN A 440 -15.29 46.08 -18.71
C ASN A 440 -15.97 46.48 -20.04
N ASP A 441 -15.19 46.61 -21.11
CA ASP A 441 -15.81 46.88 -22.42
C ASP A 441 -16.46 45.62 -23.02
N ASP A 442 -17.39 45.82 -23.96
CA ASP A 442 -18.06 44.72 -24.65
C ASP A 442 -17.21 44.07 -25.74
N LEU A 443 -16.25 44.83 -26.26
CA LEU A 443 -15.43 44.32 -27.32
C LEU A 443 -14.54 43.18 -26.87
N LYS A 444 -13.95 43.32 -25.69
CA LYS A 444 -13.05 42.29 -25.20
C LYS A 444 -13.87 41.04 -24.96
N ILE A 445 -14.97 41.20 -24.25
CA ILE A 445 -15.92 40.12 -24.01
C ILE A 445 -16.31 39.41 -25.30
N LEU A 446 -16.81 40.17 -26.27
CA LEU A 446 -17.22 39.61 -27.53
C LEU A 446 -16.11 38.83 -28.22
N ASN A 447 -14.89 39.37 -28.18
CA ASN A 447 -13.76 38.73 -28.84
C ASN A 447 -13.33 37.43 -28.18
N ARG A 448 -13.44 37.39 -26.86
CA ARG A 448 -13.07 36.22 -26.11
C ARG A 448 -14.10 35.15 -26.43
N ILE A 449 -15.37 35.52 -26.32
CA ILE A 449 -16.48 34.69 -26.74
C ILE A 449 -16.22 34.18 -28.15
N LEU A 450 -15.80 35.08 -29.03
CA LEU A 450 -15.59 34.74 -30.42
C LEU A 450 -14.41 33.79 -30.54
N ASP A 451 -13.54 33.85 -29.54
CA ASP A 451 -12.33 33.05 -29.58
C ASP A 451 -12.60 31.62 -29.12
N ALA A 452 -13.69 31.41 -28.39
CA ALA A 452 -13.88 30.15 -27.64
C ALA A 452 -13.44 28.88 -28.33
N HIS A 453 -13.92 28.67 -29.56
CA HIS A 453 -13.79 27.40 -30.28
C HIS A 453 -12.31 27.11 -30.54
N ASN A 454 -11.49 28.16 -30.45
CA ASN A 454 -10.05 28.02 -30.55
C ASN A 454 -9.51 27.65 -29.22
N ILE A 455 -9.94 28.34 -28.18
CA ILE A 455 -9.52 27.95 -26.85
C ILE A 455 -9.85 26.48 -26.58
N ILE A 456 -11.06 26.00 -26.92
CA ILE A 456 -11.34 24.56 -26.72
C ILE A 456 -10.44 23.66 -27.58
N ASP A 457 -10.22 24.05 -28.85
CA ASP A 457 -9.31 23.34 -29.76
C ASP A 457 -7.89 23.22 -29.19
N GLN A 458 -7.29 24.35 -28.83
CA GLN A 458 -6.01 24.36 -28.14
C GLN A 458 -6.02 23.39 -26.97
N LEU A 459 -7.09 23.44 -26.17
CA LEU A 459 -7.26 22.63 -24.95
C LEU A 459 -7.16 21.11 -25.15
N GLN A 460 -7.95 20.58 -26.09
CA GLN A 460 -8.06 19.15 -26.39
C GLN A 460 -6.82 18.43 -26.95
N ASP A 461 -5.82 19.18 -27.45
CA ASP A 461 -4.56 18.59 -27.91
C ASP A 461 -3.34 19.53 -27.87
N LYS A 462 -3.17 20.25 -26.76
CA LYS A 462 -2.04 21.18 -26.58
C LYS A 462 -0.76 20.40 -26.25
N PRO A 463 0.43 21.09 -26.25
CA PRO A 463 1.51 20.65 -25.36
C PRO A 463 1.00 20.77 -23.92
N GLU A 464 -0.04 19.97 -23.61
CA GLU A 464 -0.96 20.20 -22.50
C GLU A 464 -0.57 19.52 -21.18
N ASN A 465 0.44 20.11 -20.57
CA ASN A 465 0.61 20.10 -19.13
C ASN A 465 0.07 21.48 -18.68
N TYR A 466 -0.50 22.19 -19.65
CA TYR A 466 -1.08 23.54 -19.51
C TYR A 466 -2.58 23.37 -19.29
N GLY A 467 -3.14 24.21 -18.41
CA GLY A 467 -4.48 24.02 -17.85
C GLY A 467 -4.13 23.44 -16.47
N ASN A 468 -3.84 24.38 -15.53
CA ASN A 468 -3.02 24.16 -14.30
C ASN A 468 -3.37 22.86 -13.56
N THR A 469 -2.34 22.05 -13.35
CA THR A 469 -2.48 20.72 -12.72
C THR A 469 -2.96 20.80 -11.24
N LEU A 470 -2.10 21.38 -10.38
CA LEU A 470 -2.33 21.45 -8.93
C LEU A 470 -3.33 22.58 -8.56
N LYS A 471 -3.47 23.56 -9.45
CA LYS A 471 -4.20 24.80 -9.18
C LYS A 471 -5.66 24.60 -8.86
N GLU A 472 -6.07 25.19 -7.75
CA GLU A 472 -7.44 25.16 -7.33
C GLU A 472 -8.21 26.33 -7.92
N ASN A 473 -9.48 26.07 -8.16
CA ASN A 473 -10.39 27.03 -8.73
C ASN A 473 -11.20 27.75 -7.66
N PHE A 474 -10.79 28.98 -7.42
CA PHE A 474 -11.41 29.83 -6.43
C PHE A 474 -12.26 30.97 -7.03
N ALA A 475 -12.89 30.77 -8.19
CA ALA A 475 -13.74 31.79 -8.76
C ALA A 475 -15.03 31.96 -7.93
N PRO A 476 -15.46 33.21 -7.75
CA PRO A 476 -16.71 33.49 -6.99
C PRO A 476 -17.86 32.81 -7.67
N LEU A 477 -18.78 32.25 -6.88
CA LEU A 477 -19.98 31.59 -7.35
C LEU A 477 -20.70 32.34 -8.45
N GLU A 478 -21.06 33.63 -8.24
CA GLU A 478 -21.95 34.26 -9.23
C GLU A 478 -21.22 34.37 -10.54
N LYS A 479 -19.97 34.84 -10.52
CA LYS A 479 -19.24 34.94 -11.80
C LYS A 479 -19.12 33.57 -12.45
N ALA A 480 -19.05 32.50 -11.66
CA ALA A 480 -18.88 31.19 -12.26
C ALA A 480 -20.12 30.77 -13.07
N ILE A 481 -21.26 31.01 -12.47
CA ILE A 481 -22.55 30.65 -13.06
C ILE A 481 -22.76 31.36 -14.39
N VAL A 482 -22.46 32.67 -14.43
CA VAL A 482 -22.44 33.43 -15.67
C VAL A 482 -21.50 32.77 -16.66
N GLN A 483 -20.32 32.35 -16.22
CA GLN A 483 -19.38 31.71 -17.16
C GLN A 483 -20.00 30.47 -17.69
N SER A 484 -20.47 29.64 -16.77
CA SER A 484 -21.06 28.40 -17.19
C SER A 484 -22.16 28.65 -18.24
N ILE A 485 -23.05 29.61 -18.00
CA ILE A 485 -24.22 29.82 -18.84
C ILE A 485 -23.82 30.41 -20.18
N ALA A 486 -22.95 31.42 -20.18
CA ALA A 486 -22.45 31.99 -21.43
C ALA A 486 -21.80 30.92 -22.33
N ASN A 487 -20.90 30.11 -21.79
CA ASN A 487 -20.27 29.08 -22.61
C ASN A 487 -21.20 27.95 -22.94
N ALA A 488 -22.10 27.67 -22.02
CA ALA A 488 -23.04 26.57 -22.24
C ALA A 488 -23.83 26.82 -23.52
N SER A 489 -24.30 28.07 -23.69
CA SER A 489 -24.93 28.52 -24.91
C SER A 489 -24.02 28.66 -26.09
N ILE A 490 -22.97 29.47 -26.01
CA ILE A 490 -22.15 29.69 -27.23
C ILE A 490 -21.42 28.44 -27.74
N THR A 491 -21.16 27.44 -26.92
CA THR A 491 -20.48 26.25 -27.45
C THR A 491 -21.44 25.24 -28.07
N ALA A 492 -22.72 25.39 -27.81
CA ALA A 492 -23.68 24.47 -28.42
C ALA A 492 -24.81 25.10 -29.22
N ASP A 493 -25.84 25.57 -28.53
CA ASP A 493 -27.04 26.13 -29.12
C ASP A 493 -27.35 27.36 -28.30
N VAL A 494 -26.89 28.50 -28.79
CA VAL A 494 -27.04 29.83 -28.17
C VAL A 494 -28.45 30.26 -27.71
N THR A 495 -29.47 29.81 -28.43
CA THR A 495 -30.85 30.20 -28.20
C THR A 495 -31.41 29.69 -26.88
N ARG A 496 -30.68 28.80 -26.24
CA ARG A 496 -31.08 28.37 -24.92
C ARG A 496 -30.65 29.29 -23.75
N MET A 497 -29.90 30.37 -24.03
CA MET A 497 -29.54 31.30 -22.97
C MET A 497 -30.67 31.68 -22.04
N ASN A 498 -31.77 32.14 -22.62
CA ASN A 498 -32.93 32.55 -21.86
C ASN A 498 -33.39 31.44 -20.93
N SER A 499 -33.48 30.26 -21.52
CA SER A 499 -33.99 29.13 -20.78
C SER A 499 -33.04 28.77 -19.64
N PHE A 500 -31.74 28.87 -19.87
CA PHE A 500 -30.76 28.68 -18.80
C PHE A 500 -30.93 29.67 -17.68
N TYR A 501 -31.00 30.96 -18.00
CA TYR A 501 -31.11 31.99 -16.96
C TYR A 501 -32.42 31.93 -16.20
N SER A 502 -33.37 31.13 -16.67
CA SER A 502 -34.65 31.04 -15.97
C SER A 502 -34.96 29.67 -15.44
N ASN A 503 -33.91 28.87 -15.25
CA ASN A 503 -33.93 27.54 -14.61
C ASN A 503 -32.46 27.28 -14.10
N ILE A 504 -32.00 28.09 -13.13
CA ILE A 504 -30.81 27.81 -12.35
C ILE A 504 -31.29 27.08 -11.10
N LEU A 505 -31.01 25.80 -11.00
CA LEU A 505 -31.52 25.04 -9.86
C LEU A 505 -30.42 24.97 -8.86
N ILE A 506 -30.73 25.21 -7.58
CA ILE A 506 -29.75 24.98 -6.50
C ILE A 506 -30.02 23.77 -5.64
N VAL A 507 -29.00 22.93 -5.53
CA VAL A 507 -29.15 21.57 -5.08
C VAL A 507 -27.83 21.23 -4.38
N GLY A 508 -27.82 20.19 -3.54
CA GLY A 508 -26.61 19.80 -2.80
C GLY A 508 -26.70 20.01 -1.28
N GLY A 509 -26.23 19.03 -0.53
CA GLY A 509 -26.21 19.10 0.91
C GLY A 509 -25.73 20.40 1.52
N SER A 510 -24.88 21.14 0.85
CA SER A 510 -24.37 22.36 1.48
C SER A 510 -25.06 23.61 0.96
N SER A 511 -26.11 23.42 0.14
CA SER A 511 -26.83 24.50 -0.53
C SER A 511 -28.05 24.92 0.25
N LYS A 512 -28.35 24.16 1.30
CA LYS A 512 -29.45 24.43 2.26
C LYS A 512 -29.14 25.61 3.22
N ILE A 513 -28.98 26.78 2.63
CA ILE A 513 -28.76 28.00 3.37
C ILE A 513 -29.93 28.92 2.98
N PRO A 514 -30.75 29.31 3.96
CA PRO A 514 -31.92 30.14 3.62
C PRO A 514 -31.54 31.42 2.90
N ALA A 515 -32.27 31.71 1.84
CA ALA A 515 -32.13 32.96 1.12
C ALA A 515 -30.82 32.97 0.32
N LEU A 516 -30.27 31.80 0.03
CA LEU A 516 -29.15 31.73 -0.88
C LEU A 516 -29.61 32.15 -2.26
N ASP A 517 -30.76 31.60 -2.68
CA ASP A 517 -31.44 32.03 -3.90
C ASP A 517 -31.50 33.56 -3.98
N PHE A 518 -31.86 34.18 -2.86
CA PHE A 518 -32.08 35.60 -2.83
C PHE A 518 -30.82 36.37 -3.12
N ILE A 519 -29.76 36.14 -2.36
CA ILE A 519 -28.52 36.90 -2.57
C ILE A 519 -27.81 36.57 -3.88
N LEU A 520 -27.95 35.33 -4.32
CA LEU A 520 -27.28 34.87 -5.53
C LEU A 520 -27.89 35.66 -6.65
N THR A 521 -29.21 35.85 -6.55
CA THR A 521 -29.93 36.58 -7.60
C THR A 521 -29.46 38.05 -7.67
N ASP A 522 -29.42 38.75 -6.54
CA ASP A 522 -28.79 40.04 -6.48
C ASP A 522 -27.42 40.06 -7.17
N ARG A 523 -26.64 39.02 -6.93
CA ARG A 523 -25.25 39.17 -7.30
C ARG A 523 -24.95 38.90 -8.76
N ILE A 524 -25.72 38.00 -9.35
CA ILE A 524 -25.56 37.70 -10.77
C ILE A 524 -25.99 38.92 -11.49
N ASN A 525 -27.06 39.52 -11.00
CA ASN A 525 -27.56 40.72 -11.64
C ASN A 525 -26.61 41.93 -11.61
N ILE A 526 -25.85 42.08 -10.53
CA ILE A 526 -24.81 43.11 -10.43
C ILE A 526 -23.64 42.73 -11.36
N TRP A 527 -23.34 41.43 -11.42
CA TRP A 527 -22.13 41.01 -12.10
C TRP A 527 -22.27 40.64 -13.57
N ARG A 528 -23.44 40.13 -13.97
CA ARG A 528 -23.61 39.71 -15.35
C ARG A 528 -23.39 40.90 -16.31
N PRO A 529 -22.47 40.76 -17.28
CA PRO A 529 -22.33 42.03 -18.08
C PRO A 529 -23.57 42.35 -18.91
N SER A 530 -23.71 43.61 -19.34
CA SER A 530 -24.89 44.06 -20.07
C SER A 530 -24.95 43.40 -21.44
N LEU A 531 -23.83 43.36 -22.15
CA LEU A 531 -23.76 42.58 -23.38
C LEU A 531 -24.36 41.20 -23.23
N LEU A 532 -24.13 40.56 -22.10
CA LEU A 532 -24.60 39.20 -21.84
C LEU A 532 -25.91 39.16 -21.05
N SER A 533 -26.55 40.32 -20.90
CA SER A 533 -27.87 40.40 -20.26
C SER A 533 -28.98 40.62 -21.28
N SER A 534 -28.64 41.20 -22.41
CA SER A 534 -29.64 41.45 -23.43
C SER A 534 -30.17 40.16 -24.02
N ALA A 535 -31.47 39.97 -23.88
CA ALA A 535 -32.17 38.82 -24.42
C ALA A 535 -32.00 38.63 -25.93
N SER A 536 -31.45 39.60 -26.63
CA SER A 536 -31.29 39.43 -28.06
C SER A 536 -29.85 39.04 -28.40
N PHE A 537 -29.04 38.81 -27.36
CA PHE A 537 -27.64 38.50 -27.63
C PHE A 537 -27.53 37.28 -28.52
N PRO A 538 -28.22 36.19 -28.17
CA PRO A 538 -28.05 35.00 -28.99
C PRO A 538 -28.29 35.32 -30.46
N GLN A 539 -29.34 36.10 -30.73
CA GLN A 539 -29.76 36.44 -32.09
C GLN A 539 -28.71 37.29 -32.79
N PHE A 540 -28.17 38.25 -32.04
CA PHE A 540 -27.00 39.03 -32.45
C PHE A 540 -25.80 38.11 -32.67
N TYR A 541 -25.37 37.43 -31.61
CA TYR A 541 -24.27 36.51 -31.75
C TYR A 541 -24.44 35.60 -32.96
N LYS A 542 -25.67 35.20 -33.28
CA LYS A 542 -25.89 34.21 -34.33
C LYS A 542 -25.64 34.87 -35.68
N LYS A 543 -25.90 36.18 -35.70
CA LYS A 543 -25.80 36.99 -36.91
C LYS A 543 -24.33 37.27 -37.19
N LEU A 544 -23.59 37.60 -36.13
CA LEU A 544 -22.18 37.90 -36.23
C LEU A 544 -21.36 36.73 -36.72
N THR A 545 -21.72 35.51 -36.29
CA THR A 545 -20.93 34.36 -36.67
C THR A 545 -21.11 34.08 -38.14
N LYS A 546 -22.35 34.18 -38.61
CA LYS A 546 -22.66 34.00 -40.02
C LYS A 546 -21.91 35.01 -40.88
N GLU A 547 -21.92 36.28 -40.46
CA GLU A 547 -21.29 37.36 -41.22
C GLU A 547 -19.77 37.31 -41.21
N ILE A 548 -19.20 36.64 -40.21
CA ILE A 548 -17.77 36.33 -40.21
C ILE A 548 -17.51 35.15 -41.14
N LYS A 549 -18.45 34.22 -41.17
CA LYS A 549 -18.38 33.05 -42.07
C LYS A 549 -18.50 33.45 -43.56
N ASP A 550 -19.10 34.62 -43.82
CA ASP A 550 -19.21 35.19 -45.17
C ASP A 550 -17.98 36.00 -45.57
N LEU A 551 -16.96 35.99 -44.71
CA LEU A 551 -15.71 36.68 -44.99
C LEU A 551 -14.58 35.68 -45.28
N GLU A 552 -14.69 34.48 -44.70
CA GLU A 552 -13.78 33.38 -45.01
C GLU A 552 -14.32 32.61 -46.21
N GLY A 553 -15.64 32.57 -46.31
CA GLY A 553 -16.36 31.75 -47.28
C GLY A 553 -16.61 32.43 -48.62
N HIS A 554 -17.49 33.43 -48.64
CA HIS A 554 -17.78 34.12 -49.91
C HIS A 554 -16.65 35.07 -50.33
N TYR A 555 -15.44 34.78 -49.84
CA TYR A 555 -14.19 35.29 -50.44
C TYR A 555 -13.13 34.18 -50.56
N VAL A 556 -13.56 33.04 -51.13
CA VAL A 556 -12.73 31.82 -51.28
C VAL A 556 -11.50 31.94 -52.19
N ASN A 557 -11.39 33.08 -52.89
CA ASN A 557 -10.18 33.40 -53.67
C ASN A 557 -9.21 34.29 -52.86
N ALA A 558 -7.91 34.11 -53.09
CA ALA A 558 -6.85 34.80 -52.34
C ALA A 558 -7.03 36.31 -52.35
N PRO A 559 -7.08 36.94 -51.16
CA PRO A 559 -7.46 38.35 -50.95
C PRO A 559 -6.84 39.37 -51.93
N ASP A 560 -7.58 40.44 -52.17
CA ASP A 560 -7.42 41.36 -53.33
C ASP A 560 -5.99 41.73 -53.76
N LYS A 561 -5.07 41.90 -52.81
CA LYS A 561 -3.69 42.34 -53.11
C LYS A 561 -2.91 41.30 -53.93
N THR A 562 -1.83 41.77 -54.56
CA THR A 562 -0.96 40.90 -55.34
C THR A 562 -0.27 39.81 -54.49
N GLU A 563 0.25 40.19 -53.32
CA GLU A 563 1.07 39.30 -52.50
C GLU A 563 0.46 39.08 -51.13
N ASP A 564 0.49 37.83 -50.65
CA ASP A 564 -0.22 37.49 -49.41
C ASP A 564 0.44 36.46 -48.47
N GLU A 565 0.85 36.93 -47.29
CA GLU A 565 1.17 36.08 -46.16
C GLU A 565 0.53 36.70 -44.93
N ASN A 566 0.46 38.03 -44.95
CA ASN A 566 -0.23 38.82 -43.94
C ASN A 566 -1.61 39.22 -44.46
N LYS A 567 -1.86 39.00 -45.76
CA LYS A 567 -3.09 39.42 -46.43
C LYS A 567 -4.34 38.71 -45.91
N GLN A 568 -4.16 37.87 -44.91
CA GLN A 568 -5.30 37.35 -44.19
C GLN A 568 -5.68 38.29 -43.04
N ILE A 569 -4.80 39.25 -42.72
CA ILE A 569 -5.13 40.25 -41.69
C ILE A 569 -5.92 41.44 -42.25
N LEU A 570 -5.95 41.58 -43.58
CA LEU A 570 -6.77 42.61 -44.24
C LEU A 570 -8.22 42.11 -44.36
N GLN A 571 -8.40 40.83 -44.04
CA GLN A 571 -9.70 40.24 -43.78
C GLN A 571 -9.83 39.84 -42.31
N ALA A 572 -8.72 39.83 -41.57
CA ALA A 572 -8.76 39.68 -40.11
C ALA A 572 -8.90 41.06 -39.43
N GLN A 573 -8.61 42.12 -40.18
CA GLN A 573 -8.93 43.48 -39.75
C GLN A 573 -10.30 43.89 -40.28
N ILE A 574 -10.75 43.27 -41.37
CA ILE A 574 -12.14 43.46 -41.82
C ILE A 574 -13.10 42.69 -40.92
N LYS A 575 -12.63 41.57 -40.37
CA LYS A 575 -13.37 40.88 -39.33
C LYS A 575 -13.40 41.77 -38.11
N GLU A 576 -12.22 42.25 -37.70
CA GLU A 576 -12.11 43.16 -36.55
C GLU A 576 -13.10 44.30 -36.69
N LYS A 577 -13.21 44.83 -37.91
CA LYS A 577 -14.09 45.94 -38.20
C LYS A 577 -15.57 45.57 -38.24
N ILE A 578 -15.93 44.52 -38.98
CA ILE A 578 -17.33 44.07 -39.00
C ILE A 578 -17.80 43.78 -37.58
N VAL A 579 -16.97 43.13 -36.77
CA VAL A 579 -17.29 42.99 -35.34
C VAL A 579 -17.70 44.35 -34.77
N GLU A 580 -16.81 45.33 -34.86
CA GLU A 580 -17.07 46.69 -34.37
C GLU A 580 -18.34 47.28 -34.98
N GLU A 581 -18.53 47.01 -36.27
CA GLU A 581 -19.69 47.49 -37.03
C GLU A 581 -20.97 46.91 -36.46
N LEU A 582 -21.02 45.59 -36.35
CA LEU A 582 -22.19 44.90 -35.83
C LEU A 582 -22.36 45.11 -34.33
N GLU A 583 -21.23 45.08 -33.64
CA GLU A 583 -21.18 45.46 -32.25
C GLU A 583 -21.82 46.85 -32.02
N GLU A 584 -21.37 47.85 -32.78
CA GLU A 584 -21.95 49.17 -32.70
C GLU A 584 -23.39 49.17 -33.21
N GLN A 585 -23.63 48.52 -34.36
CA GLN A 585 -24.97 48.45 -34.96
C GLN A 585 -25.98 47.91 -33.97
N HIS A 586 -25.55 46.92 -33.21
CA HIS A 586 -26.37 46.39 -32.15
C HIS A 586 -26.70 47.40 -31.04
N GLN A 587 -25.74 48.27 -30.71
CA GLN A 587 -25.88 49.21 -29.61
C GLN A 587 -26.81 50.34 -29.98
N ASN A 588 -26.69 50.81 -31.23
CA ASN A 588 -27.64 51.78 -31.78
C ASN A 588 -29.01 51.14 -31.89
N ILE A 589 -29.02 49.87 -32.32
CA ILE A 589 -30.23 49.05 -32.28
C ILE A 589 -30.63 48.78 -30.80
N GLU A 590 -29.72 49.04 -29.86
CA GLU A 590 -30.00 48.84 -28.43
C GLU A 590 -30.90 49.88 -27.78
N HIS A 591 -30.78 51.16 -28.15
CA HIS A 591 -31.66 52.17 -27.56
C HIS A 591 -33.10 51.67 -27.59
N GLN A 592 -33.46 51.08 -28.74
CA GLN A 592 -34.77 50.48 -29.01
C GLN A 592 -35.96 51.43 -28.77
N ASN A 593 -35.71 52.74 -28.91
CA ASN A 593 -36.77 53.77 -28.80
C ASN A 593 -37.75 53.56 -27.63
N GLY A 594 -37.26 53.01 -26.52
CA GLY A 594 -38.10 52.65 -25.38
C GLY A 594 -37.58 51.47 -24.58
N ASN A 595 -38.50 50.61 -24.13
CA ASN A 595 -38.23 49.52 -23.18
C ASN A 595 -37.22 48.44 -23.64
N GLU A 596 -36.46 47.88 -22.70
CA GLU A 596 -35.39 46.90 -23.00
C GLU A 596 -35.64 45.47 -22.46
N HIS A 597 -35.62 44.52 -23.38
CA HIS A 597 -35.67 43.07 -23.16
C HIS A 597 -34.40 42.54 -22.43
N ILE A 598 -34.55 41.82 -21.33
CA ILE A 598 -33.34 41.38 -20.56
C ILE A 598 -33.52 40.02 -19.82
N PHE A 599 -32.55 39.11 -19.98
CA PHE A 599 -32.65 37.77 -19.36
C PHE A 599 -32.98 37.84 -17.88
N PRO A 600 -33.87 36.97 -17.39
CA PRO A 600 -34.08 36.99 -15.94
C PRO A 600 -32.97 36.20 -15.29
N VAL A 601 -33.02 36.13 -13.95
CA VAL A 601 -32.15 35.29 -13.12
C VAL A 601 -33.10 34.57 -12.14
N SER A 602 -33.73 33.48 -12.59
CA SER A 602 -34.54 32.66 -11.69
C SER A 602 -33.65 31.58 -11.12
N ILE A 603 -33.46 31.68 -9.82
CA ILE A 603 -32.66 30.74 -9.07
C ILE A 603 -33.67 30.06 -8.17
N ILE A 604 -33.65 28.75 -8.18
CA ILE A 604 -34.77 27.94 -7.73
C ILE A 604 -34.27 26.83 -6.84
N PRO A 605 -34.43 26.97 -5.52
CA PRO A 605 -34.07 25.80 -4.76
C PRO A 605 -35.32 24.89 -4.68
N PRO A 606 -35.15 23.73 -4.07
CA PRO A 606 -36.32 22.92 -3.88
C PRO A 606 -37.16 23.52 -2.78
N PRO A 607 -38.45 23.21 -2.74
CA PRO A 607 -39.25 23.82 -1.68
C PRO A 607 -38.67 23.60 -0.26
N ARG A 608 -38.83 24.58 0.62
CA ARG A 608 -38.61 24.36 2.05
C ARG A 608 -39.19 22.99 2.46
N ASP A 609 -38.39 22.22 3.20
CA ASP A 609 -38.77 20.87 3.63
C ASP A 609 -38.59 19.77 2.57
N MET A 610 -37.93 20.09 1.48
CA MET A 610 -37.31 19.06 0.69
C MET A 610 -35.82 19.16 0.94
N ASN A 611 -35.13 18.03 0.85
CA ASN A 611 -33.72 18.02 1.21
C ASN A 611 -32.88 18.20 -0.06
N PRO A 612 -32.07 19.27 -0.13
CA PRO A 612 -31.43 19.44 -1.44
C PRO A 612 -30.35 18.37 -1.69
N ALA A 613 -29.94 17.66 -0.66
CA ALA A 613 -28.90 16.64 -0.81
C ALA A 613 -29.37 15.40 -1.53
N LEU A 614 -30.67 15.30 -1.85
CA LEU A 614 -31.25 14.03 -2.30
C LEU A 614 -31.87 14.09 -3.68
N ILE A 615 -31.95 15.27 -4.32
CA ILE A 615 -32.51 15.36 -5.66
C ILE A 615 -31.82 14.36 -6.60
N ILE A 616 -30.49 14.27 -6.48
CA ILE A 616 -29.65 13.51 -7.36
C ILE A 616 -30.03 12.05 -7.23
N TRP A 617 -30.15 11.58 -6.02
CA TRP A 617 -30.47 10.17 -5.84
C TRP A 617 -31.88 9.90 -6.42
N LYS A 618 -32.82 10.80 -6.10
CA LYS A 618 -34.17 10.77 -6.68
C LYS A 618 -34.16 10.66 -8.22
N GLY A 619 -33.37 11.52 -8.85
CA GLY A 619 -33.23 11.54 -10.27
C GLY A 619 -32.73 10.21 -10.77
N ALA A 620 -31.68 9.67 -10.12
CA ALA A 620 -31.12 8.40 -10.53
C ALA A 620 -32.20 7.31 -10.38
N SER A 621 -32.93 7.36 -9.29
CA SER A 621 -33.95 6.36 -9.08
C SER A 621 -35.09 6.50 -10.13
N VAL A 622 -35.22 7.68 -10.73
CA VAL A 622 -36.20 7.82 -11.80
C VAL A 622 -35.67 7.15 -13.08
N LEU A 623 -34.42 7.36 -13.41
CA LEU A 623 -33.78 6.63 -14.49
C LEU A 623 -33.95 5.13 -14.23
N ALA A 624 -33.82 4.73 -12.97
CA ALA A 624 -33.75 3.34 -12.65
C ALA A 624 -35.06 2.66 -13.01
N GLN A 625 -36.11 3.46 -13.16
CA GLN A 625 -37.49 2.96 -13.22
C GLN A 625 -38.06 3.00 -14.64
N ILE A 626 -37.25 3.42 -15.61
CA ILE A 626 -37.81 3.63 -16.94
C ILE A 626 -37.20 2.73 -17.98
N LYS A 627 -37.87 2.63 -19.13
CA LYS A 627 -37.43 1.86 -20.28
C LYS A 627 -35.92 2.03 -20.56
N LEU A 628 -35.48 3.28 -20.62
CA LEU A 628 -34.09 3.60 -20.86
C LEU A 628 -33.02 2.71 -20.17
N VAL A 629 -32.94 2.70 -18.83
CA VAL A 629 -31.84 1.98 -18.19
C VAL A 629 -31.60 0.61 -18.80
N GLU A 630 -32.63 -0.03 -19.33
CA GLU A 630 -32.48 -1.40 -19.80
C GLU A 630 -31.35 -1.47 -20.81
N GLU A 631 -31.41 -0.57 -21.78
CA GLU A 631 -30.37 -0.44 -22.79
C GLU A 631 -29.02 -0.10 -22.16
N LEU A 632 -29.00 0.50 -20.95
CA LEU A 632 -27.76 1.07 -20.34
C LEU A 632 -27.02 0.24 -19.29
N PHE A 633 -27.57 -0.91 -18.92
CA PHE A 633 -26.93 -1.73 -17.89
C PHE A 633 -25.72 -2.46 -18.48
N ILE A 634 -24.54 -2.08 -18.04
CA ILE A 634 -23.35 -2.87 -18.26
C ILE A 634 -23.43 -4.12 -17.36
N THR A 635 -23.52 -5.30 -17.98
CA THR A 635 -23.55 -6.58 -17.24
C THR A 635 -22.14 -7.15 -17.10
N ASN A 636 -21.98 -8.20 -16.30
CA ASN A 636 -20.65 -8.80 -16.10
C ASN A 636 -20.06 -9.26 -17.40
N SER A 637 -20.88 -9.94 -18.20
CA SER A 637 -20.39 -10.45 -19.46
C SER A 637 -20.09 -9.28 -20.37
N ASP A 638 -20.95 -8.26 -20.38
CA ASP A 638 -20.58 -7.01 -21.04
C ASP A 638 -19.13 -6.73 -20.64
N TRP A 639 -18.87 -6.65 -19.33
CA TRP A 639 -17.56 -6.15 -18.86
C TRP A 639 -16.30 -7.05 -19.09
N ASP A 640 -16.46 -8.36 -19.08
CA ASP A 640 -15.30 -9.24 -19.26
C ASP A 640 -14.80 -9.30 -20.70
N VAL A 641 -15.73 -9.35 -21.64
CA VAL A 641 -15.41 -9.31 -23.07
C VAL A 641 -14.81 -7.96 -23.46
N HIS A 642 -15.44 -6.87 -23.03
CA HIS A 642 -15.13 -5.53 -23.56
C HIS A 642 -14.27 -4.57 -22.71
N GLY A 643 -14.30 -4.72 -21.40
CA GLY A 643 -13.61 -3.79 -20.53
C GLY A 643 -14.33 -2.45 -20.54
N SER A 644 -13.60 -1.38 -20.22
CA SER A 644 -14.14 -0.05 -20.19
C SER A 644 -14.73 0.33 -21.57
N ARG A 645 -14.23 -0.30 -22.62
CA ARG A 645 -14.77 -0.09 -23.96
C ARG A 645 -16.31 -0.17 -24.17
N ILE A 646 -17.10 -0.88 -23.34
CA ILE A 646 -18.56 -0.77 -23.54
C ILE A 646 -19.10 0.62 -23.33
N LEU A 647 -18.44 1.39 -22.47
CA LEU A 647 -18.98 2.70 -22.12
C LEU A 647 -19.18 3.47 -23.37
N GLN A 648 -18.39 3.14 -24.40
CA GLN A 648 -18.50 3.73 -25.72
C GLN A 648 -19.87 3.41 -26.35
N TYR A 649 -20.57 2.36 -25.86
CA TYR A 649 -21.81 1.84 -26.49
C TYR A 649 -23.00 1.65 -25.53
N LYS A 650 -22.77 1.54 -24.23
CA LYS A 650 -23.89 1.54 -23.30
C LYS A 650 -23.74 2.70 -22.31
N CYS A 651 -24.32 3.86 -22.61
CA CYS A 651 -24.09 5.03 -21.77
C CYS A 651 -25.00 6.17 -22.14
N ILE A 652 -25.61 6.78 -21.13
CA ILE A 652 -26.52 7.90 -21.33
C ILE A 652 -25.80 9.19 -21.70
N PHE A 653 -24.47 9.21 -21.64
CA PHE A 653 -23.74 10.38 -22.11
C PHE A 653 -22.64 9.89 -22.98
N THR A 654 -22.10 10.73 -23.86
CA THR A 654 -21.04 10.32 -24.76
C THR A 654 -19.82 10.21 -23.92
N TYR A 655 -19.38 8.99 -23.67
CA TYR A 655 -18.26 8.76 -22.79
C TYR A 655 -16.96 9.38 -23.30
N GLU B 33 -12.35 -22.00 25.29
CA GLU B 33 -13.26 -21.75 24.13
C GLU B 33 -13.17 -20.31 23.63
N ILE B 34 -13.71 -19.36 24.41
CA ILE B 34 -13.40 -17.94 24.24
C ILE B 34 -11.88 -17.86 24.41
N ASP B 35 -11.24 -16.90 23.75
CA ASP B 35 -9.85 -16.67 24.05
C ASP B 35 -9.68 -15.38 24.83
N LEU B 36 -8.69 -15.41 25.71
CA LEU B 36 -8.05 -14.23 26.26
C LEU B 36 -6.66 -14.28 25.66
N ASN B 37 -5.83 -13.30 25.99
CA ASN B 37 -4.45 -13.37 25.58
C ASN B 37 -3.67 -13.71 26.86
N ASP B 38 -3.32 -15.00 26.88
CA ASP B 38 -2.82 -15.72 28.05
C ASP B 38 -1.90 -16.88 27.58
N PRO B 39 -0.59 -16.79 27.91
CA PRO B 39 0.42 -17.62 27.26
C PRO B 39 0.27 -19.14 27.45
N THR B 40 -0.57 -19.58 28.39
CA THR B 40 -0.83 -21.02 28.57
C THR B 40 -1.69 -21.63 27.45
N ALA B 41 -2.46 -20.80 26.75
CA ALA B 41 -3.41 -21.22 25.71
C ALA B 41 -2.78 -20.93 24.38
N THR B 42 -1.46 -21.04 24.35
CA THR B 42 -0.68 -20.71 23.18
C THR B 42 0.28 -21.79 22.75
N ILE B 43 0.29 -22.10 21.48
CA ILE B 43 1.27 -23.01 20.93
C ILE B 43 2.24 -22.24 20.06
N VAL B 44 3.52 -22.54 20.22
CA VAL B 44 4.50 -21.89 19.40
C VAL B 44 5.07 -22.89 18.40
N ILE B 45 5.17 -22.48 17.12
CA ILE B 45 5.50 -23.37 16.00
C ILE B 45 6.67 -22.86 15.11
N HIS B 46 7.74 -23.63 14.98
CA HIS B 46 8.85 -23.14 14.15
C HIS B 46 9.20 -24.14 13.08
N PRO B 47 8.58 -24.04 11.91
CA PRO B 47 8.86 -24.99 10.84
C PRO B 47 10.21 -24.75 10.22
N GLY B 48 10.91 -25.86 9.94
CA GLY B 48 12.27 -25.82 9.38
C GLY B 48 12.48 -26.98 8.42
N SER B 49 13.44 -26.84 7.51
CA SER B 49 13.68 -27.88 6.51
C SER B 49 13.90 -29.21 7.16
N ASN B 50 14.52 -29.19 8.33
CA ASN B 50 14.92 -30.45 8.99
C ASN B 50 13.95 -30.99 10.04
N SER B 51 13.36 -30.08 10.81
CA SER B 51 12.35 -30.41 11.80
C SER B 51 11.41 -29.25 12.03
N ILE B 52 10.33 -29.49 12.78
CA ILE B 52 9.35 -28.43 13.11
C ILE B 52 9.39 -28.45 14.59
N LYS B 53 9.52 -27.30 15.23
CA LYS B 53 9.58 -27.24 16.71
C LYS B 53 8.24 -26.74 17.22
N ILE B 54 7.57 -27.57 18.01
CA ILE B 54 6.28 -27.17 18.58
C ILE B 54 6.26 -27.35 20.10
N GLY B 55 5.63 -26.42 20.80
CA GLY B 55 5.33 -26.59 22.20
C GLY B 55 4.76 -25.30 22.73
N PHE B 56 4.33 -25.33 23.97
CA PHE B 56 3.87 -24.12 24.68
C PHE B 56 5.05 -23.26 25.05
N PRO B 57 4.85 -21.94 25.08
CA PRO B 57 5.95 -21.01 25.31
C PRO B 57 6.70 -21.15 26.64
N LYS B 58 5.97 -21.48 27.71
CA LYS B 58 6.59 -21.58 29.05
C LYS B 58 7.57 -22.76 29.21
N ASP B 59 7.43 -23.78 28.36
CA ASP B 59 8.24 -24.99 28.49
C ASP B 59 9.71 -24.76 28.20
N ASP B 60 10.54 -25.61 28.78
CA ASP B 60 11.98 -25.51 28.62
C ASP B 60 12.31 -25.74 27.16
N HIS B 61 11.66 -26.76 26.58
CA HIS B 61 11.90 -27.18 25.21
C HIS B 61 10.64 -27.34 24.37
N PRO B 62 10.81 -27.26 23.04
CA PRO B 62 9.75 -27.63 22.14
C PRO B 62 9.89 -29.11 21.84
N VAL B 63 8.82 -29.77 21.39
CA VAL B 63 9.03 -31.11 20.85
C VAL B 63 9.52 -30.90 19.42
N VAL B 64 10.59 -31.61 19.10
CA VAL B 64 11.26 -31.46 17.81
C VAL B 64 10.85 -32.62 16.90
N VAL B 65 10.01 -32.31 15.90
CA VAL B 65 9.46 -33.31 14.96
C VAL B 65 10.11 -33.24 13.59
N PRO B 66 10.83 -34.29 13.20
CA PRO B 66 11.47 -34.18 11.89
C PRO B 66 10.47 -33.82 10.75
N ASN B 67 10.96 -33.09 9.75
CA ASN B 67 10.14 -32.62 8.65
C ASN B 67 10.07 -33.74 7.60
N CYS B 68 9.25 -34.75 7.89
CA CYS B 68 9.29 -36.04 7.18
C CYS B 68 7.95 -36.76 7.08
N VAL B 69 7.50 -37.03 5.87
CA VAL B 69 6.41 -38.00 5.73
C VAL B 69 6.84 -39.15 4.86
N ALA B 70 6.58 -40.36 5.35
CA ALA B 70 6.91 -41.51 4.59
C ALA B 70 5.63 -41.83 3.84
N VAL B 71 5.79 -41.95 2.53
CA VAL B 71 4.79 -42.62 1.68
C VAL B 71 5.21 -44.08 1.06
N PRO B 72 4.36 -45.11 1.26
CA PRO B 72 4.47 -46.38 0.55
C PRO B 72 4.71 -46.21 -0.95
N LYS B 73 5.61 -47.09 -1.48
CA LYS B 73 6.04 -46.91 -2.84
C LYS B 73 4.91 -47.38 -3.71
N LYS B 74 4.08 -48.25 -3.12
CA LYS B 74 3.01 -48.91 -3.87
C LYS B 74 1.88 -47.91 -4.14
N TRP B 75 1.98 -46.72 -3.55
CA TRP B 75 1.01 -45.65 -3.77
C TRP B 75 1.39 -44.62 -4.81
N LEU B 76 2.49 -44.83 -5.52
CA LEU B 76 3.02 -43.76 -6.37
C LEU B 76 3.46 -44.33 -7.68
N ASP B 77 3.31 -43.56 -8.77
CA ASP B 77 3.82 -44.01 -10.07
C ASP B 77 5.28 -43.65 -10.14
N LEU B 78 6.09 -44.65 -10.45
CA LEU B 78 7.49 -44.66 -10.08
C LEU B 78 8.52 -44.49 -11.20
N GLU B 79 8.25 -45.03 -12.40
CA GLU B 79 9.25 -45.01 -13.47
C GLU B 79 9.72 -43.61 -13.90
N ASN B 80 11.04 -43.38 -13.82
CA ASN B 80 11.74 -42.18 -14.37
C ASN B 80 11.55 -40.77 -13.74
N SER B 81 10.75 -40.69 -12.66
CA SER B 81 10.55 -39.42 -11.95
C SER B 81 10.90 -39.81 -10.52
N GLU B 82 10.72 -41.10 -10.27
CA GLU B 82 10.93 -41.74 -8.99
C GLU B 82 12.08 -42.72 -9.13
N HIS B 83 12.94 -42.58 -10.13
CA HIS B 83 14.06 -43.52 -10.14
C HIS B 83 14.65 -43.34 -8.72
N VAL B 84 14.36 -44.32 -7.86
CA VAL B 84 14.52 -44.12 -6.43
C VAL B 84 15.99 -43.95 -6.13
N GLU B 85 16.31 -42.84 -5.47
CA GLU B 85 17.68 -42.44 -5.24
C GLU B 85 18.19 -42.83 -3.86
N ASN B 86 17.37 -43.59 -3.13
CA ASN B 86 17.82 -44.22 -1.89
C ASN B 86 18.85 -45.29 -2.23
N VAL B 87 18.61 -46.02 -3.32
CA VAL B 87 19.48 -47.11 -3.78
C VAL B 87 20.59 -46.64 -4.74
N CYS B 88 21.28 -45.56 -4.37
CA CYS B 88 22.43 -45.09 -5.13
C CYS B 88 23.59 -44.64 -4.22
N LEU B 89 24.80 -45.02 -4.62
CA LEU B 89 26.02 -44.78 -3.84
C LEU B 89 26.79 -43.54 -4.32
N GLN B 90 27.57 -42.93 -3.41
CA GLN B 90 28.51 -41.86 -3.78
C GLN B 90 29.84 -42.34 -4.39
N ARG B 91 30.41 -41.56 -5.31
CA ARG B 91 31.65 -41.95 -6.05
C ARG B 91 32.87 -41.01 -5.86
N GLU B 92 34.01 -41.30 -6.53
CA GLU B 92 35.08 -40.31 -6.71
C GLU B 92 34.81 -39.33 -7.90
N GLN B 93 34.91 -38.02 -7.63
CA GLN B 93 34.42 -36.94 -8.54
C GLN B 93 35.28 -36.53 -9.74
N SER B 94 34.94 -35.38 -10.32
CA SER B 94 35.62 -34.85 -11.50
C SER B 94 36.73 -33.86 -11.13
N GLU B 95 37.46 -33.43 -12.15
CA GLU B 95 38.69 -32.62 -12.00
C GLU B 95 38.40 -31.33 -11.26
N GLU B 96 37.28 -30.70 -11.60
CA GLU B 96 36.86 -29.43 -11.03
C GLU B 96 36.63 -29.53 -9.53
N PHE B 97 35.98 -30.61 -9.12
CA PHE B 97 35.88 -30.98 -7.72
C PHE B 97 37.27 -31.20 -7.10
N ASN B 98 38.10 -32.05 -7.74
CA ASN B 98 39.42 -32.38 -7.19
C ASN B 98 40.26 -31.13 -7.01
N ASN B 99 40.09 -30.17 -7.91
CA ASN B 99 40.86 -28.93 -7.86
C ASN B 99 40.61 -28.18 -6.56
N ILE B 100 39.33 -28.04 -6.22
CA ILE B 100 38.92 -27.26 -5.08
C ILE B 100 39.23 -28.01 -3.79
N LYS B 101 39.30 -29.35 -3.87
CA LYS B 101 39.73 -30.18 -2.76
C LYS B 101 41.20 -29.88 -2.41
N SER B 102 42.02 -29.80 -3.45
CA SER B 102 43.42 -29.40 -3.35
C SER B 102 43.53 -28.13 -2.50
N GLU B 103 42.94 -27.05 -3.03
CA GLU B 103 42.82 -25.76 -2.36
C GLU B 103 42.42 -25.82 -0.89
N MET B 104 41.47 -26.66 -0.55
CA MET B 104 41.07 -26.85 0.85
C MET B 104 42.14 -27.63 1.66
N GLU B 105 42.81 -28.60 1.02
CA GLU B 105 43.93 -29.24 1.67
C GLU B 105 44.97 -28.16 1.92
N LYS B 106 45.13 -27.30 0.90
CA LYS B 106 46.18 -26.30 0.85
C LYS B 106 45.89 -25.23 1.87
N ASN B 107 44.61 -24.90 2.04
CA ASN B 107 44.24 -23.96 3.06
C ASN B 107 44.47 -24.59 4.43
N PHE B 108 44.01 -25.82 4.58
CA PHE B 108 44.19 -26.56 5.83
C PHE B 108 45.67 -26.62 6.26
N ARG B 109 46.56 -26.62 5.27
CA ARG B 109 48.00 -26.75 5.48
C ARG B 109 48.75 -25.45 5.70
N GLU B 110 48.12 -24.30 5.50
CA GLU B 110 48.71 -23.06 6.00
C GLU B 110 48.36 -22.92 7.48
N ARG B 111 47.14 -23.28 7.84
CA ARG B 111 46.68 -23.21 9.22
C ARG B 111 47.46 -24.16 10.12
N MET B 112 47.71 -25.37 9.64
CA MET B 112 48.39 -26.39 10.43
C MET B 112 49.86 -26.07 10.63
N ARG B 113 50.46 -25.49 9.59
CA ARG B 113 51.83 -25.02 9.64
C ARG B 113 51.91 -23.90 10.65
N TYR B 114 51.18 -22.82 10.36
CA TYR B 114 51.18 -21.64 11.20
C TYR B 114 50.84 -22.03 12.62
N TYR B 115 49.69 -22.64 12.83
CA TYR B 115 49.19 -22.75 14.17
C TYR B 115 50.06 -23.68 15.01
N LYS B 116 50.10 -24.97 14.72
CA LYS B 116 50.79 -25.89 15.65
C LYS B 116 51.56 -27.13 15.20
N ARG B 117 50.86 -28.11 14.61
CA ARG B 117 51.21 -29.52 14.79
C ARG B 117 51.99 -30.17 13.65
N LYS B 118 52.83 -31.15 14.03
CA LYS B 118 53.50 -32.07 13.09
C LYS B 118 52.47 -32.76 12.21
N VAL B 119 52.80 -32.92 10.94
CA VAL B 119 52.11 -33.88 10.10
C VAL B 119 52.94 -35.18 10.14
N PRO B 120 52.32 -36.32 10.53
CA PRO B 120 53.04 -37.59 10.37
C PRO B 120 53.07 -38.04 8.90
N GLY B 121 52.54 -39.23 8.62
CA GLY B 121 52.34 -39.70 7.25
C GLY B 121 50.87 -39.96 6.97
N ASN B 122 50.61 -40.91 6.08
CA ASN B 122 49.24 -41.33 5.78
C ASN B 122 49.08 -42.87 5.78
N ALA B 123 48.57 -43.38 6.89
CA ALA B 123 48.40 -44.82 7.12
C ALA B 123 47.01 -45.14 7.65
N HIS B 124 46.38 -46.20 7.12
CA HIS B 124 44.99 -46.58 7.51
C HIS B 124 44.82 -48.06 7.85
N GLU B 125 44.29 -48.29 9.04
CA GLU B 125 43.89 -49.60 9.51
C GLU B 125 42.58 -49.98 8.81
N GLN B 126 42.30 -49.35 7.67
CA GLN B 126 40.96 -49.36 7.12
C GLN B 126 40.72 -50.29 5.95
N VAL B 127 41.66 -50.36 5.02
CA VAL B 127 41.64 -51.39 3.96
C VAL B 127 41.94 -52.75 4.60
N VAL B 128 42.34 -52.74 5.87
CA VAL B 128 42.40 -53.93 6.72
C VAL B 128 41.45 -53.94 7.94
N SER B 129 40.47 -53.02 7.95
CA SER B 129 39.34 -53.10 8.87
C SER B 129 38.08 -53.77 8.36
N PHE B 130 38.16 -55.09 8.25
CA PHE B 130 37.15 -55.92 7.63
C PHE B 130 35.96 -56.23 8.54
N ASN B 131 36.25 -56.37 9.83
CA ASN B 131 35.47 -57.22 10.74
C ASN B 131 34.08 -56.69 11.08
N GLU B 132 33.41 -57.39 11.99
CA GLU B 132 32.05 -57.06 12.40
C GLU B 132 31.75 -57.63 13.79
N ASN B 133 30.55 -57.37 14.32
CA ASN B 133 30.12 -57.85 15.65
C ASN B 133 28.57 -57.80 15.75
N SER B 134 27.94 -58.97 15.64
CA SER B 134 26.48 -59.06 15.42
C SER B 134 25.57 -59.07 16.66
N LYS B 135 26.13 -59.37 17.83
CA LYS B 135 25.36 -59.72 19.06
C LYS B 135 24.33 -58.70 19.58
N PRO B 136 23.28 -59.19 20.28
CA PRO B 136 22.19 -58.33 20.81
C PRO B 136 22.54 -57.51 22.05
N GLU B 137 23.84 -57.33 22.32
CA GLU B 137 24.27 -56.44 23.39
C GLU B 137 24.14 -54.96 22.96
N ILE B 138 23.69 -54.77 21.71
CA ILE B 138 23.52 -53.46 21.06
C ILE B 138 22.66 -52.46 21.83
N ILE B 139 23.15 -51.22 21.92
CA ILE B 139 22.39 -50.11 22.51
C ILE B 139 22.08 -49.06 21.42
N SER B 140 21.77 -47.83 21.87
CA SER B 140 21.79 -46.65 20.98
C SER B 140 22.97 -45.74 21.36
N GLU B 141 23.60 -45.10 20.38
CA GLU B 141 24.81 -44.29 20.63
C GLU B 141 24.82 -42.85 20.06
N LYS B 142 23.64 -42.36 19.65
CA LYS B 142 23.48 -40.99 19.14
C LYS B 142 22.09 -40.35 19.41
N ASN B 143 22.14 -39.15 20.01
CA ASN B 143 20.99 -38.25 20.33
C ASN B 143 19.78 -38.79 21.16
N ASP B 144 18.56 -38.81 20.59
CA ASP B 144 17.30 -38.83 21.42
C ASP B 144 16.43 -40.09 21.72
N PRO B 145 16.33 -41.09 20.82
CA PRO B 145 15.46 -42.23 21.22
C PRO B 145 16.14 -43.35 22.05
N SER B 146 15.69 -44.60 21.82
CA SER B 146 16.29 -45.82 22.41
C SER B 146 16.64 -46.87 21.29
N PRO B 147 17.07 -48.12 21.65
CA PRO B 147 17.43 -49.22 20.67
C PRO B 147 16.64 -49.36 19.34
N ILE B 148 17.30 -49.91 18.31
CA ILE B 148 16.90 -49.74 16.90
C ILE B 148 15.77 -50.65 16.43
N GLU B 149 14.76 -50.05 15.81
CA GLU B 149 13.60 -50.80 15.38
C GLU B 149 13.09 -50.28 14.04
N TRP B 150 13.46 -50.98 12.97
CA TRP B 150 12.96 -50.64 11.63
C TRP B 150 11.49 -50.98 11.44
N ILE B 151 10.86 -50.42 10.41
CA ILE B 151 9.41 -50.63 10.24
C ILE B 151 8.93 -50.91 8.79
N PHE B 152 8.11 -51.95 8.66
CA PHE B 152 7.83 -52.63 7.38
C PHE B 152 6.37 -52.60 6.90
N ASP B 153 5.43 -52.39 7.82
CA ASP B 153 3.97 -52.42 7.59
C ASP B 153 3.54 -51.31 6.64
N ASP B 154 3.71 -51.52 5.33
CA ASP B 154 3.45 -50.44 4.40
C ASP B 154 1.98 -50.35 3.97
N SER B 155 1.10 -50.42 4.97
CA SER B 155 -0.35 -50.20 4.75
C SER B 155 -0.89 -48.73 5.00
N LYS B 156 0.02 -47.80 5.38
CA LYS B 156 -0.36 -46.52 5.92
C LYS B 156 0.81 -45.51 5.82
N LEU B 157 0.54 -44.23 6.04
CA LEU B 157 1.52 -43.13 6.11
C LEU B 157 2.11 -42.91 7.52
N TYR B 158 3.38 -42.53 7.59
CA TYR B 158 4.07 -42.36 8.89
C TYR B 158 4.67 -40.97 8.96
N TYR B 159 4.73 -40.43 10.16
CA TYR B 159 5.13 -39.01 10.33
C TYR B 159 6.34 -38.80 11.21
N GLY B 160 7.10 -37.74 10.89
CA GLY B 160 8.27 -37.38 11.66
C GLY B 160 9.14 -38.59 11.96
N SER B 161 9.29 -38.89 13.24
CA SER B 161 10.28 -39.86 13.68
C SER B 161 9.97 -41.31 13.20
N ASP B 162 8.70 -41.68 13.25
CA ASP B 162 8.28 -42.90 12.61
C ASP B 162 8.72 -42.89 11.17
N ALA B 163 8.37 -41.85 10.42
CA ALA B 163 8.79 -41.83 9.03
C ALA B 163 10.27 -42.13 8.87
N LEU B 164 11.10 -41.62 9.78
CA LEU B 164 12.53 -41.84 9.69
C LEU B 164 12.86 -43.34 9.72
N ARG B 165 12.45 -44.04 10.77
CA ARG B 165 12.73 -45.47 10.84
C ARG B 165 11.86 -46.34 9.91
N CYS B 166 11.23 -45.72 8.90
CA CYS B 166 10.40 -46.45 7.89
C CYS B 166 11.27 -47.05 6.82
N VAL B 167 11.12 -48.36 6.61
CA VAL B 167 12.08 -49.03 5.75
C VAL B 167 12.07 -48.45 4.34
N ASP B 168 13.27 -48.30 3.81
CA ASP B 168 13.55 -47.69 2.56
C ASP B 168 12.95 -48.39 1.37
N GLU B 169 13.12 -49.69 1.24
CA GLU B 169 12.80 -50.26 -0.06
C GLU B 169 11.29 -50.41 -0.33
N LYS B 170 10.48 -49.95 0.62
CA LYS B 170 9.02 -49.89 0.45
C LYS B 170 8.49 -48.43 0.61
N PHE B 171 9.34 -47.56 1.17
CA PHE B 171 8.90 -46.21 1.43
C PHE B 171 9.74 -45.12 0.77
N VAL B 172 9.05 -44.06 0.36
CA VAL B 172 9.71 -42.87 -0.10
C VAL B 172 9.55 -41.80 0.99
N ILE B 173 10.42 -40.81 0.99
CA ILE B 173 10.25 -39.69 1.92
C ILE B 173 10.01 -38.36 1.23
N ARG B 174 8.90 -37.72 1.58
CA ARG B 174 8.62 -36.33 1.13
C ARG B 174 8.67 -35.38 2.30
N LYS B 175 9.15 -34.17 2.02
CA LYS B 175 9.28 -33.14 3.06
C LYS B 175 8.35 -31.91 2.78
N PRO B 176 7.39 -31.63 3.68
CA PRO B 176 6.38 -30.54 3.43
C PRO B 176 6.97 -29.20 3.43
N PHE B 177 7.96 -29.01 4.30
CA PHE B 177 8.57 -27.73 4.54
C PHE B 177 9.89 -27.59 3.83
N ARG B 178 10.12 -26.38 3.34
CA ARG B 178 11.40 -25.91 2.84
C ARG B 178 11.65 -24.64 3.62
N GLY B 179 12.24 -24.84 4.81
CA GLY B 179 12.52 -23.79 5.75
C GLY B 179 11.40 -22.86 6.11
N GLY B 180 10.31 -23.38 6.64
CA GLY B 180 9.33 -22.37 7.17
C GLY B 180 8.29 -22.03 6.08
N SER B 181 8.70 -22.13 4.84
CA SER B 181 7.93 -21.87 3.70
C SER B 181 7.67 -23.30 3.12
N PHE B 182 6.61 -23.49 2.34
CA PHE B 182 6.16 -24.81 1.94
C PHE B 182 6.99 -25.40 0.79
N ASN B 183 7.14 -26.72 0.75
CA ASN B 183 8.08 -27.32 -0.20
C ASN B 183 7.42 -27.53 -1.52
N VAL B 184 7.56 -26.53 -2.35
CA VAL B 184 6.82 -26.44 -3.58
C VAL B 184 7.63 -27.17 -4.69
N LYS B 185 8.61 -27.94 -4.24
CA LYS B 185 9.37 -28.82 -5.12
C LYS B 185 9.29 -30.32 -4.87
N SER B 186 9.22 -30.85 -3.63
CA SER B 186 9.42 -32.35 -3.47
C SER B 186 8.47 -33.06 -4.43
N PRO B 187 9.01 -33.93 -5.28
CA PRO B 187 8.15 -34.46 -6.36
C PRO B 187 6.94 -35.27 -5.92
N TYR B 188 6.77 -35.57 -4.65
CA TYR B 188 5.80 -36.61 -4.32
C TYR B 188 4.43 -36.10 -3.96
N TYR B 189 4.24 -34.80 -4.19
CA TYR B 189 2.94 -34.13 -3.99
C TYR B 189 2.25 -33.84 -5.33
N LYS B 190 1.07 -34.42 -5.56
CA LYS B 190 0.36 -34.18 -6.81
C LYS B 190 -0.44 -32.86 -6.73
N SER B 191 -0.77 -32.44 -5.52
CA SER B 191 -1.55 -31.23 -5.35
C SER B 191 -1.24 -30.55 -4.02
N LEU B 192 -1.63 -29.29 -3.90
CA LEU B 192 -1.47 -28.52 -2.66
C LEU B 192 -2.32 -29.06 -1.49
N ALA B 193 -3.49 -29.64 -1.81
CA ALA B 193 -4.33 -30.26 -0.77
C ALA B 193 -3.53 -31.38 -0.10
N GLU B 194 -2.80 -32.13 -0.92
CA GLU B 194 -1.90 -33.13 -0.38
C GLU B 194 -0.84 -32.55 0.54
N LEU B 195 -0.24 -31.40 0.12
CA LEU B 195 0.91 -30.92 0.90
C LEU B 195 0.45 -30.39 2.23
N ILE B 196 -0.76 -29.85 2.19
CA ILE B 196 -1.32 -29.30 3.39
C ILE B 196 -1.74 -30.44 4.28
N SER B 197 -2.31 -31.52 3.73
CA SER B 197 -2.62 -32.69 4.61
C SER B 197 -1.41 -33.25 5.29
N ASP B 198 -0.28 -33.34 4.58
CA ASP B 198 0.98 -33.54 5.30
C ASP B 198 1.35 -32.54 6.40
N VAL B 199 1.29 -31.23 6.08
CA VAL B 199 1.52 -30.25 7.09
C VAL B 199 0.58 -30.47 8.25
N THR B 200 -0.71 -30.75 7.98
CA THR B 200 -1.64 -30.64 9.11
C THR B 200 -1.49 -31.85 9.99
N LYS B 201 -1.26 -33.01 9.37
CA LYS B 201 -1.03 -34.20 10.18
C LYS B 201 0.34 -34.29 10.86
N LEU B 202 1.40 -33.73 10.27
CA LEU B 202 2.65 -33.65 11.04
C LEU B 202 2.37 -32.91 12.34
N LEU B 203 1.72 -31.76 12.24
CA LEU B 203 1.41 -30.95 13.41
C LEU B 203 0.50 -31.69 14.36
N GLU B 204 -0.47 -32.40 13.81
CA GLU B 204 -1.44 -33.10 14.64
C GLU B 204 -0.74 -34.13 15.46
N HIS B 205 0.22 -34.80 14.83
CA HIS B 205 1.04 -35.83 15.47
C HIS B 205 2.13 -35.21 16.34
N ALA B 206 2.57 -34.01 15.98
CA ALA B 206 3.41 -33.24 16.87
C ALA B 206 2.58 -32.96 18.11
N LEU B 207 1.46 -32.26 17.96
CA LEU B 207 0.63 -31.90 19.11
C LEU B 207 0.17 -33.05 20.02
N ASN B 208 0.36 -34.28 19.55
CA ASN B 208 -0.14 -35.44 20.26
C ASN B 208 1.01 -36.25 20.86
N SER B 209 2.00 -35.54 21.37
CA SER B 209 3.10 -36.12 22.12
C SER B 209 2.73 -36.13 23.58
N GLU B 210 3.35 -37.06 24.31
CA GLU B 210 3.25 -37.14 25.76
C GLU B 210 3.23 -35.74 26.42
N THR B 211 4.14 -34.87 25.99
CA THR B 211 4.35 -33.58 26.66
C THR B 211 3.30 -32.50 26.33
N LEU B 212 2.68 -32.63 25.16
CA LEU B 212 1.61 -31.75 24.68
C LEU B 212 0.42 -32.62 24.44
N ASN B 213 -0.52 -32.66 25.37
CA ASN B 213 -1.57 -33.66 25.24
C ASN B 213 -2.69 -33.05 24.41
N VAL B 214 -2.38 -32.62 23.19
CA VAL B 214 -3.32 -31.79 22.44
C VAL B 214 -3.95 -32.40 21.19
N LYS B 215 -5.21 -32.82 21.35
CA LYS B 215 -6.01 -33.45 20.28
C LYS B 215 -6.72 -32.41 19.40
N PRO B 216 -6.87 -32.72 18.11
CA PRO B 216 -7.38 -31.71 17.19
C PRO B 216 -8.67 -31.09 17.69
N THR B 217 -9.57 -31.91 18.24
CA THR B 217 -10.88 -31.43 18.74
C THR B 217 -10.85 -30.29 19.80
N LYS B 218 -9.66 -29.98 20.31
CA LYS B 218 -9.49 -28.87 21.25
C LYS B 218 -8.47 -27.76 20.82
N PHE B 219 -8.04 -27.78 19.55
CA PHE B 219 -7.19 -26.75 19.00
C PHE B 219 -7.80 -25.36 19.16
N ASN B 220 -9.13 -25.33 19.31
CA ASN B 220 -9.85 -24.07 19.33
C ASN B 220 -9.69 -23.36 20.66
N GLN B 221 -8.98 -24.00 21.59
CA GLN B 221 -8.60 -23.32 22.82
C GLN B 221 -7.20 -22.68 22.78
N TYR B 222 -6.52 -22.85 21.64
CA TYR B 222 -5.14 -22.41 21.49
C TYR B 222 -4.90 -21.31 20.45
N LYS B 223 -4.13 -20.31 20.83
CA LYS B 223 -3.57 -19.37 19.87
C LYS B 223 -2.26 -19.95 19.33
N VAL B 224 -1.73 -19.37 18.25
CA VAL B 224 -0.49 -19.85 17.68
C VAL B 224 0.49 -18.73 17.40
N VAL B 225 1.71 -18.80 17.90
CA VAL B 225 2.73 -17.85 17.45
C VAL B 225 3.50 -18.60 16.37
N LEU B 226 3.59 -18.03 15.18
CA LEU B 226 4.13 -18.77 14.01
C LEU B 226 5.39 -18.15 13.48
N VAL B 227 6.48 -18.90 13.50
CA VAL B 227 7.73 -18.37 12.97
C VAL B 227 7.80 -18.52 11.44
N ILE B 228 8.16 -17.40 10.78
CA ILE B 228 8.08 -17.17 9.32
C ILE B 228 9.51 -16.77 8.85
N PRO B 229 9.90 -17.09 7.60
CA PRO B 229 11.26 -16.73 7.17
C PRO B 229 11.52 -15.23 7.07
N ASP B 230 12.77 -14.77 7.06
CA ASP B 230 12.95 -13.36 6.87
C ASP B 230 12.32 -12.99 5.50
N ILE B 231 12.72 -13.65 4.42
CA ILE B 231 12.06 -13.42 3.14
C ILE B 231 11.03 -14.50 2.93
N PHE B 232 9.92 -14.32 3.60
CA PHE B 232 8.78 -15.18 3.44
C PHE B 232 8.14 -14.95 2.09
N LYS B 233 7.07 -15.71 1.88
CA LYS B 233 6.37 -15.82 0.62
C LYS B 233 4.97 -15.60 1.04
N LYS B 234 4.47 -14.43 0.70
CA LYS B 234 3.15 -14.08 1.06
C LYS B 234 2.13 -15.15 0.67
N SER B 235 2.24 -15.82 -0.47
CA SER B 235 1.27 -16.94 -0.71
C SER B 235 1.34 -18.01 0.42
N HIS B 236 2.55 -18.30 0.86
CA HIS B 236 2.73 -19.34 1.84
C HIS B 236 2.24 -18.90 3.20
N VAL B 237 2.80 -17.84 3.76
CA VAL B 237 2.26 -17.31 4.99
C VAL B 237 0.72 -17.23 4.95
N GLU B 238 0.14 -16.75 3.83
CA GLU B 238 -1.31 -16.48 3.82
C GLU B 238 -2.11 -17.75 3.75
N THR B 239 -1.56 -18.77 3.06
CA THR B 239 -2.15 -20.07 3.07
C THR B 239 -2.04 -20.64 4.48
N PHE B 240 -0.89 -20.44 5.15
CA PHE B 240 -0.55 -21.12 6.41
C PHE B 240 -1.50 -20.67 7.52
N ILE B 241 -1.68 -19.34 7.64
CA ILE B 241 -2.67 -18.73 8.51
C ILE B 241 -4.10 -19.25 8.21
N ARG B 242 -4.43 -19.45 6.94
CA ARG B 242 -5.76 -19.96 6.57
C ARG B 242 -5.95 -21.40 7.06
N VAL B 243 -4.92 -22.23 6.86
CA VAL B 243 -4.97 -23.58 7.38
C VAL B 243 -5.10 -23.53 8.89
N LEU B 244 -4.30 -22.68 9.52
CA LEU B 244 -4.26 -22.57 10.98
C LEU B 244 -5.62 -22.13 11.56
N LEU B 245 -6.25 -21.15 10.92
CA LEU B 245 -7.52 -20.61 11.41
C LEU B 245 -8.78 -21.31 10.93
N THR B 246 -8.86 -21.54 9.62
CA THR B 246 -10.08 -22.06 9.01
C THR B 246 -10.18 -23.57 9.06
N GLU B 247 -9.06 -24.27 8.99
CA GLU B 247 -9.12 -25.71 9.00
C GLU B 247 -8.85 -26.41 10.32
N LEU B 248 -7.75 -26.05 10.97
CA LEU B 248 -7.34 -26.75 12.19
C LEU B 248 -8.05 -26.02 13.32
N GLN B 249 -8.52 -24.81 13.03
CA GLN B 249 -9.52 -24.20 13.90
C GLN B 249 -8.92 -23.54 15.12
N PHE B 250 -7.66 -23.13 15.01
CA PHE B 250 -6.99 -22.35 16.04
C PHE B 250 -7.63 -20.97 16.23
N GLN B 251 -7.46 -20.43 17.44
CA GLN B 251 -8.09 -19.17 17.83
C GLN B 251 -7.55 -17.94 17.13
N ALA B 252 -6.24 -17.91 16.96
CA ALA B 252 -5.57 -16.73 16.46
C ALA B 252 -4.19 -17.12 16.04
N VAL B 253 -3.54 -16.26 15.25
CA VAL B 253 -2.18 -16.51 14.80
C VAL B 253 -1.46 -15.19 14.76
N ALA B 254 -0.20 -15.23 15.18
CA ALA B 254 0.70 -14.08 15.12
C ALA B 254 1.98 -14.52 14.46
N ILE B 255 2.60 -13.69 13.64
CA ILE B 255 3.80 -14.16 12.94
C ILE B 255 5.09 -13.35 13.27
N ILE B 256 6.26 -13.96 13.19
CA ILE B 256 7.51 -13.20 13.38
C ILE B 256 8.57 -13.73 12.40
N GLN B 257 9.39 -12.84 11.86
CA GLN B 257 10.47 -13.37 11.04
C GLN B 257 11.51 -14.09 11.91
N GLU B 258 12.16 -15.08 11.33
CA GLU B 258 13.10 -15.89 12.05
C GLU B 258 14.13 -15.06 12.76
N SER B 259 14.80 -14.18 12.04
CA SER B 259 15.87 -13.41 12.59
C SER B 259 15.50 -12.59 13.79
N LEU B 260 14.35 -11.90 13.74
CA LEU B 260 13.90 -11.07 14.88
C LEU B 260 13.81 -12.00 16.09
N ALA B 261 13.28 -13.20 15.85
CA ALA B 261 13.03 -14.15 16.89
C ALA B 261 14.35 -14.63 17.48
N THR B 262 15.33 -14.85 16.63
CA THR B 262 16.59 -15.34 17.14
C THR B 262 17.13 -14.30 18.10
N CYS B 263 16.79 -13.04 17.85
CA CYS B 263 17.25 -11.90 18.65
C CYS B 263 16.57 -11.86 20.00
N TYR B 264 15.28 -12.17 20.00
CA TYR B 264 14.48 -12.28 21.19
C TYR B 264 14.97 -13.46 21.96
N GLY B 265 15.49 -14.46 21.26
CA GLY B 265 15.99 -15.66 21.93
C GLY B 265 17.34 -15.48 22.61
N ALA B 266 18.08 -14.47 22.19
CA ALA B 266 19.39 -14.19 22.76
C ALA B 266 19.38 -12.93 23.59
N GLY B 267 19.54 -11.77 22.94
CA GLY B 267 19.64 -10.46 23.60
C GLY B 267 19.25 -9.62 22.39
N ILE B 268 18.22 -8.80 22.59
CA ILE B 268 17.64 -7.96 21.53
C ILE B 268 18.15 -6.56 21.85
N SER B 269 19.38 -6.53 22.36
CA SER B 269 19.94 -5.29 22.92
C SER B 269 20.40 -4.33 21.84
N THR B 270 20.81 -4.85 20.70
CA THR B 270 21.57 -4.05 19.73
C THR B 270 21.55 -4.55 18.29
N SER B 271 21.90 -3.67 17.37
CA SER B 271 22.16 -4.00 15.99
C SER B 271 23.08 -5.21 15.81
N THR B 272 22.63 -6.19 15.02
CA THR B 272 23.28 -7.48 15.00
C THR B 272 23.04 -8.25 13.72
N CYS B 273 24.05 -9.02 13.34
CA CYS B 273 24.01 -9.82 12.14
C CYS B 273 23.69 -11.29 12.45
N VAL B 274 22.53 -11.78 12.05
CA VAL B 274 22.20 -13.15 12.43
C VAL B 274 22.61 -14.14 11.34
N VAL B 275 23.39 -15.16 11.73
CA VAL B 275 23.92 -16.13 10.79
C VAL B 275 23.44 -17.48 11.22
N ASN B 276 22.45 -18.00 10.46
CA ASN B 276 21.81 -19.26 10.74
C ASN B 276 22.26 -20.42 9.86
N ILE B 277 23.12 -21.26 10.39
CA ILE B 277 23.50 -22.48 9.67
C ILE B 277 22.58 -23.64 10.06
N GLY B 278 21.66 -23.97 9.14
CA GLY B 278 20.73 -25.06 9.34
C GLY B 278 21.14 -26.26 8.51
N ALA B 279 20.29 -27.28 8.46
CA ALA B 279 20.64 -28.48 7.74
C ALA B 279 20.75 -28.22 6.22
N ALA B 280 19.79 -27.52 5.65
CA ALA B 280 19.78 -27.37 4.20
C ALA B 280 20.12 -25.97 3.73
N GLU B 281 20.10 -24.99 4.63
CA GLU B 281 20.35 -23.62 4.18
C GLU B 281 20.98 -22.78 5.27
N THR B 282 21.71 -21.73 4.84
CA THR B 282 22.32 -20.79 5.76
C THR B 282 21.60 -19.45 5.54
N ARG B 283 21.15 -18.81 6.64
CA ARG B 283 20.31 -17.59 6.57
C ARG B 283 20.99 -16.48 7.31
N ILE B 284 21.41 -15.50 6.55
CA ILE B 284 22.03 -14.33 7.10
C ILE B 284 20.97 -13.24 7.02
N ALA B 285 20.97 -12.36 8.03
CA ALA B 285 20.07 -11.20 8.12
C ALA B 285 20.53 -10.23 9.24
N CYS B 286 20.40 -8.92 9.01
CA CYS B 286 20.70 -7.95 10.07
C CYS B 286 19.46 -7.37 10.72
N VAL B 287 19.56 -7.12 12.02
CA VAL B 287 18.45 -6.63 12.78
C VAL B 287 18.84 -5.36 13.53
N ASP B 288 18.02 -4.31 13.40
CA ASP B 288 18.30 -3.02 14.03
C ASP B 288 16.97 -2.49 14.50
N GLU B 289 16.89 -2.16 15.79
CA GLU B 289 15.72 -1.47 16.31
C GLU B 289 14.47 -2.37 16.12
N GLY B 290 14.69 -3.69 16.17
CA GLY B 290 13.58 -4.62 16.17
C GLY B 290 12.95 -4.81 14.81
N THR B 291 13.75 -4.71 13.76
CA THR B 291 13.24 -4.82 12.41
C THR B 291 14.30 -5.49 11.52
N VAL B 292 13.83 -6.40 10.69
CA VAL B 292 14.72 -7.23 9.95
C VAL B 292 14.97 -6.46 8.67
N LEU B 293 16.21 -6.04 8.40
CA LEU B 293 16.47 -5.18 7.25
C LEU B 293 16.34 -5.95 5.94
N GLU B 294 15.28 -5.66 5.18
CA GLU B 294 14.95 -6.32 3.96
C GLU B 294 16.15 -6.71 3.12
N HIS B 295 17.00 -5.73 2.83
CA HIS B 295 18.12 -5.89 1.88
C HIS B 295 19.40 -6.44 2.48
N SER B 296 19.37 -6.80 3.76
CA SER B 296 20.50 -7.56 4.34
C SER B 296 20.31 -9.05 4.08
N ALA B 297 19.07 -9.46 3.80
CA ALA B 297 18.70 -10.87 3.85
C ALA B 297 19.37 -11.68 2.75
N ILE B 298 19.96 -12.81 3.11
CA ILE B 298 20.59 -13.65 2.11
C ILE B 298 20.26 -15.03 2.53
N THR B 299 19.97 -15.91 1.59
CA THR B 299 19.94 -17.30 2.01
C THR B 299 20.81 -18.17 1.12
N LEU B 300 21.79 -18.77 1.77
CA LEU B 300 22.82 -19.55 1.12
C LEU B 300 22.20 -20.94 0.98
N ASP B 301 22.31 -21.57 -0.18
CA ASP B 301 21.65 -22.86 -0.36
C ASP B 301 22.48 -24.03 0.09
N TYR B 302 23.02 -23.96 1.30
CA TYR B 302 23.82 -25.07 1.80
C TYR B 302 23.91 -24.98 3.30
N GLY B 303 24.27 -26.09 3.94
CA GLY B 303 24.17 -26.23 5.40
C GLY B 303 24.71 -27.56 5.93
N GLY B 304 24.32 -27.93 7.15
CA GLY B 304 24.71 -29.19 7.78
C GLY B 304 24.73 -30.40 6.86
N ASP B 305 23.59 -30.64 6.22
CA ASP B 305 23.45 -31.71 5.24
C ASP B 305 24.57 -31.74 4.21
N ASP B 306 24.97 -30.58 3.71
CA ASP B 306 26.07 -30.55 2.74
C ASP B 306 27.44 -30.89 3.34
N ILE B 307 27.68 -30.50 4.58
CA ILE B 307 28.94 -30.83 5.15
C ILE B 307 28.95 -32.35 5.35
N THR B 308 27.80 -32.86 5.81
CA THR B 308 27.65 -34.31 6.04
C THR B 308 28.01 -35.09 4.77
N ARG B 309 27.45 -34.64 3.66
CA ARG B 309 27.71 -35.23 2.35
C ARG B 309 29.19 -35.24 2.00
N LEU B 310 29.85 -34.07 2.06
CA LEU B 310 31.29 -34.01 1.83
C LEU B 310 32.05 -34.96 2.73
N PHE B 311 31.70 -34.90 4.02
CA PHE B 311 32.38 -35.71 5.00
C PHE B 311 32.25 -37.18 4.63
N ALA B 312 31.00 -37.64 4.48
CA ALA B 312 30.74 -38.99 4.09
C ALA B 312 31.56 -39.32 2.84
N LEU B 313 31.69 -38.32 1.98
CA LEU B 313 32.43 -38.45 0.73
C LEU B 313 33.94 -38.56 0.98
N PHE B 314 34.48 -37.69 1.82
CA PHE B 314 35.91 -37.64 2.06
C PHE B 314 36.40 -38.94 2.69
N LEU B 315 35.57 -39.55 3.52
CA LEU B 315 35.94 -40.82 4.10
C LEU B 315 36.05 -41.90 3.02
N LEU B 316 35.20 -41.82 2.01
CA LEU B 316 35.19 -42.79 0.91
C LEU B 316 36.49 -42.80 0.14
N GLN B 317 37.02 -41.61 -0.12
CA GLN B 317 38.31 -41.49 -0.80
C GLN B 317 39.48 -41.66 0.17
N SER B 318 39.18 -42.28 1.32
CA SER B 318 40.16 -42.71 2.31
C SER B 318 39.92 -44.18 2.64
N ASP B 319 39.05 -44.82 1.85
CA ASP B 319 38.76 -46.26 1.95
C ASP B 319 37.98 -46.69 3.19
N PHE B 320 37.06 -45.81 3.61
CA PHE B 320 36.13 -46.04 4.71
C PHE B 320 35.35 -47.34 4.49
N PRO B 321 35.44 -48.30 5.44
CA PRO B 321 35.10 -49.74 5.25
C PRO B 321 33.70 -50.09 4.70
N LEU B 322 32.77 -49.13 4.73
CA LEU B 322 31.52 -49.33 4.02
C LEU B 322 31.61 -48.63 2.67
N GLN B 323 32.45 -49.16 1.79
CA GLN B 323 32.68 -48.57 0.48
C GLN B 323 31.42 -48.40 -0.40
N ASP B 324 30.42 -49.26 -0.20
CA ASP B 324 29.14 -49.15 -0.89
C ASP B 324 28.14 -48.42 -0.01
N TRP B 325 28.30 -47.10 0.07
CA TRP B 325 27.55 -46.33 1.03
C TRP B 325 26.34 -45.67 0.38
N LYS B 326 25.15 -46.11 0.78
CA LYS B 326 23.93 -45.49 0.29
C LYS B 326 23.57 -44.29 1.18
N ILE B 327 24.17 -43.15 0.83
CA ILE B 327 24.09 -41.96 1.66
C ILE B 327 22.65 -41.48 1.80
N ASP B 328 21.91 -41.55 0.70
CA ASP B 328 20.51 -41.17 0.67
C ASP B 328 19.58 -42.24 1.27
N SER B 329 20.15 -43.38 1.64
CA SER B 329 19.36 -44.39 2.36
C SER B 329 19.13 -44.00 3.83
N LYS B 330 17.88 -44.21 4.28
CA LYS B 330 17.47 -44.04 5.67
C LYS B 330 18.52 -44.39 6.72
N HIS B 331 19.17 -45.56 6.54
CA HIS B 331 20.23 -46.00 7.42
C HIS B 331 21.55 -45.31 7.06
N GLY B 332 21.82 -45.22 5.75
CA GLY B 332 23.07 -44.67 5.25
C GLY B 332 23.21 -43.19 5.60
N TRP B 333 22.07 -42.50 5.68
CA TRP B 333 22.07 -41.14 6.18
C TRP B 333 22.30 -41.05 7.69
N LEU B 334 21.50 -41.77 8.50
CA LEU B 334 21.65 -41.80 9.97
C LEU B 334 23.13 -41.92 10.33
N LEU B 335 23.82 -42.78 9.60
CA LEU B 335 25.22 -43.05 9.83
C LEU B 335 26.08 -41.86 9.51
N ALA B 336 26.06 -41.45 8.24
CA ALA B 336 26.78 -40.26 7.75
C ALA B 336 26.63 -39.03 8.65
N GLU B 337 25.39 -38.80 9.12
CA GLU B 337 25.10 -37.69 10.02
C GLU B 337 25.73 -37.85 11.41
N ARG B 338 25.48 -39.00 12.04
CA ARG B 338 26.02 -39.33 13.37
C ARG B 338 27.53 -39.12 13.41
N LEU B 339 28.23 -39.61 12.38
CA LEU B 339 29.68 -39.44 12.24
C LEU B 339 30.10 -37.97 12.19
N LYS B 340 29.44 -37.19 11.34
CA LYS B 340 29.84 -35.80 11.17
C LYS B 340 29.43 -34.96 12.37
N LYS B 341 28.26 -35.28 12.94
CA LYS B 341 27.82 -34.66 14.18
C LYS B 341 28.87 -34.86 15.26
N ASN B 342 29.52 -36.03 15.26
CA ASN B 342 30.47 -36.36 16.30
C ASN B 342 31.93 -36.01 16.02
N PHE B 343 32.30 -35.87 14.75
CA PHE B 343 33.73 -35.82 14.44
C PHE B 343 34.27 -34.62 13.63
N THR B 344 33.40 -33.81 13.02
CA THR B 344 33.85 -32.57 12.35
C THR B 344 34.14 -31.44 13.34
N THR B 345 35.28 -30.80 13.15
CA THR B 345 35.70 -29.69 14.01
C THR B 345 36.65 -28.76 13.27
N PHE B 346 36.68 -27.50 13.68
CA PHE B 346 37.65 -26.57 13.15
C PHE B 346 38.95 -26.55 14.00
N GLN B 347 38.96 -27.26 15.12
CA GLN B 347 40.06 -27.14 16.04
C GLN B 347 41.35 -27.80 15.54
N ASP B 348 42.18 -26.99 14.90
CA ASP B 348 43.48 -27.36 14.36
C ASP B 348 44.32 -28.20 15.33
N ALA B 349 44.39 -27.75 16.59
CA ALA B 349 45.02 -28.50 17.69
C ALA B 349 44.63 -29.99 17.71
N ASP B 350 43.33 -30.25 17.67
CA ASP B 350 42.74 -31.60 17.84
C ASP B 350 42.97 -32.58 16.69
N VAL B 351 43.72 -32.16 15.69
CA VAL B 351 43.95 -32.97 14.50
C VAL B 351 45.13 -33.91 14.69
N ALA B 352 44.89 -35.00 15.40
CA ALA B 352 45.83 -36.10 15.50
C ALA B 352 45.21 -37.25 14.73
N VAL B 353 46.06 -38.15 14.21
CA VAL B 353 45.57 -39.35 13.52
C VAL B 353 44.81 -40.22 14.50
N GLN B 354 43.54 -39.91 14.72
CA GLN B 354 42.72 -40.64 15.66
C GLN B 354 42.08 -41.81 14.94
N LEU B 355 41.71 -42.82 15.70
CA LEU B 355 40.96 -43.91 15.16
C LEU B 355 39.74 -44.10 16.04
N TYR B 356 38.59 -44.30 15.42
CA TYR B 356 37.41 -44.61 16.21
C TYR B 356 36.54 -45.76 15.63
N ASN B 357 35.40 -46.02 16.26
CA ASN B 357 34.50 -47.11 15.87
C ASN B 357 33.03 -46.71 15.72
N PHE B 358 32.28 -47.50 14.95
CA PHE B 358 30.85 -47.25 14.70
C PHE B 358 29.94 -48.50 14.63
N MET B 359 28.64 -48.25 14.56
CA MET B 359 27.60 -49.28 14.42
C MET B 359 26.89 -49.18 13.06
N ASN B 360 26.19 -50.24 12.67
CA ASN B 360 25.60 -50.31 11.34
C ASN B 360 24.11 -50.50 11.36
N ARG B 361 23.54 -50.37 10.16
CA ARG B 361 22.14 -50.57 9.86
C ARG B 361 21.59 -51.96 10.18
N SER B 362 20.30 -52.13 9.92
CA SER B 362 19.64 -53.43 10.07
C SER B 362 18.41 -53.53 9.17
N PRO B 363 18.62 -53.68 7.86
CA PRO B 363 17.46 -53.98 7.02
C PRO B 363 17.31 -55.49 6.83
N ASN B 364 16.83 -56.18 7.86
CA ASN B 364 16.85 -57.66 7.92
C ASN B 364 18.29 -58.18 7.71
N GLN B 365 19.26 -57.32 8.05
CA GLN B 365 20.68 -57.63 7.94
C GLN B 365 21.32 -57.58 9.33
N PRO B 366 22.33 -58.43 9.59
CA PRO B 366 22.97 -58.39 10.89
C PRO B 366 23.74 -57.09 11.19
N THR B 367 23.47 -56.48 12.34
CA THR B 367 24.15 -55.25 12.80
C THR B 367 25.67 -55.45 12.92
N GLU B 368 26.42 -54.39 12.61
CA GLU B 368 27.90 -54.49 12.65
C GLU B 368 28.64 -53.33 13.34
N LYS B 369 29.53 -53.70 14.24
CA LYS B 369 30.57 -52.82 14.75
C LYS B 369 31.74 -52.82 13.77
N TYR B 370 32.18 -51.62 13.40
CA TYR B 370 33.40 -51.42 12.62
C TYR B 370 34.34 -50.49 13.39
N GLU B 371 35.61 -50.46 12.97
CA GLU B 371 36.58 -49.47 13.47
C GLU B 371 37.35 -48.84 12.33
N PHE B 372 37.63 -47.55 12.45
CA PHE B 372 38.22 -46.82 11.34
C PHE B 372 39.11 -45.69 11.80
N LYS B 373 39.90 -45.18 10.87
CA LYS B 373 40.95 -44.21 11.16
C LYS B 373 40.82 -42.91 10.34
N LEU B 374 40.42 -41.83 11.00
CA LEU B 374 40.32 -40.52 10.35
C LEU B 374 41.42 -39.52 10.75
N PHE B 375 41.74 -38.61 9.83
CA PHE B 375 42.70 -37.55 10.11
C PHE B 375 42.28 -36.09 9.92
N ASP B 376 42.29 -35.65 8.67
CA ASP B 376 42.12 -34.24 8.35
C ASP B 376 40.77 -34.00 7.72
N GLU B 377 40.26 -35.02 7.04
CA GLU B 377 38.92 -35.05 6.49
C GLU B 377 37.93 -34.42 7.46
N VAL B 378 38.24 -34.57 8.75
CA VAL B 378 37.48 -34.05 9.87
C VAL B 378 37.23 -32.52 9.83
N MET B 379 38.05 -31.82 9.04
CA MET B 379 38.07 -30.37 9.02
C MET B 379 37.92 -29.84 7.61
N LEU B 380 38.50 -30.51 6.61
CA LEU B 380 38.25 -30.02 5.25
C LEU B 380 36.77 -30.11 4.80
N ALA B 381 35.98 -30.89 5.53
CA ALA B 381 34.54 -30.92 5.33
C ALA B 381 33.91 -29.54 5.61
N PRO B 382 34.02 -29.04 6.86
CA PRO B 382 33.38 -27.76 7.18
C PRO B 382 34.02 -26.52 6.53
N LEU B 383 35.26 -26.63 6.10
CA LEU B 383 35.94 -25.57 5.35
C LEU B 383 35.20 -25.23 4.06
N ALA B 384 34.46 -26.20 3.52
CA ALA B 384 33.64 -25.96 2.34
C ALA B 384 32.60 -24.89 2.60
N LEU B 385 32.30 -24.62 3.87
CA LEU B 385 31.43 -23.50 4.19
C LEU B 385 31.99 -22.23 3.52
N PHE B 386 33.30 -22.25 3.28
CA PHE B 386 33.95 -21.16 2.60
C PHE B 386 34.45 -21.54 1.19
N PHE B 387 34.02 -22.72 0.70
CA PHE B 387 34.28 -23.15 -0.68
C PHE B 387 33.05 -23.87 -1.24
N PRO B 388 31.89 -23.23 -1.19
CA PRO B 388 30.66 -24.03 -1.33
C PRO B 388 30.43 -24.67 -2.71
N GLN B 389 30.98 -24.08 -3.78
CA GLN B 389 30.88 -24.69 -5.10
C GLN B 389 31.02 -26.21 -5.04
N ILE B 390 31.89 -26.68 -4.15
CA ILE B 390 32.11 -28.09 -3.92
C ILE B 390 30.80 -28.83 -3.59
N PHE B 391 30.01 -28.25 -2.68
CA PHE B 391 28.70 -28.78 -2.33
C PHE B 391 27.82 -28.97 -3.55
N LYS B 392 27.90 -28.02 -4.49
CA LYS B 392 27.05 -28.01 -5.67
C LYS B 392 27.41 -29.19 -6.58
N LEU B 393 28.71 -29.43 -6.74
CA LEU B 393 29.22 -30.54 -7.55
C LEU B 393 28.73 -31.91 -7.07
N ILE B 394 28.44 -31.98 -5.77
CA ILE B 394 28.18 -33.20 -5.04
C ILE B 394 26.73 -33.69 -5.06
N ARG B 395 25.78 -32.76 -4.93
CA ARG B 395 24.36 -33.13 -4.85
C ARG B 395 23.66 -33.09 -6.21
N THR B 396 22.44 -33.60 -6.26
CA THR B 396 21.65 -33.47 -7.49
C THR B 396 20.94 -32.14 -7.48
N SER B 397 20.65 -31.61 -8.66
CA SER B 397 19.92 -30.36 -8.81
C SER B 397 18.44 -30.57 -8.47
N SER B 398 17.90 -29.71 -7.61
CA SER B 398 16.45 -29.69 -7.34
C SER B 398 15.67 -29.27 -8.57
N HIS B 399 14.51 -29.84 -8.75
CA HIS B 399 13.64 -29.29 -9.76
C HIS B 399 12.31 -28.84 -9.23
N LYS B 400 11.95 -27.63 -9.68
CA LYS B 400 10.63 -27.04 -9.58
C LYS B 400 9.51 -28.00 -10.07
N ASN B 401 8.41 -28.05 -9.31
CA ASN B 401 7.25 -28.89 -9.62
C ASN B 401 6.07 -28.05 -10.08
N SER B 402 5.97 -27.88 -11.40
CA SER B 402 4.91 -27.11 -12.06
C SER B 402 3.53 -27.17 -11.40
N SER B 403 3.06 -28.38 -11.13
CA SER B 403 1.68 -28.59 -10.68
C SER B 403 1.40 -27.91 -9.32
N LEU B 404 2.40 -27.83 -8.46
CA LEU B 404 2.27 -27.14 -7.16
C LEU B 404 2.51 -25.66 -7.29
N GLU B 405 3.52 -25.27 -8.04
CA GLU B 405 3.84 -23.83 -8.18
C GLU B 405 2.70 -23.03 -8.82
N PHE B 406 1.91 -23.69 -9.65
CA PHE B 406 0.72 -23.08 -10.23
C PHE B 406 -0.36 -22.82 -9.17
N GLN B 407 -0.43 -23.68 -8.15
CA GLN B 407 -1.46 -23.57 -7.13
C GLN B 407 -1.04 -22.73 -5.96
N LEU B 408 0.26 -22.48 -5.80
CA LEU B 408 0.75 -21.47 -4.83
C LEU B 408 1.55 -20.40 -5.58
N PRO B 409 0.85 -19.56 -6.35
CA PRO B 409 1.56 -18.59 -7.17
C PRO B 409 2.11 -17.45 -6.32
N GLU B 410 3.27 -16.93 -6.67
CA GLU B 410 3.89 -15.78 -6.04
C GLU B 410 2.89 -14.65 -5.81
N SER B 411 2.85 -14.16 -4.58
CA SER B 411 1.96 -13.05 -4.24
C SER B 411 2.22 -11.83 -5.12
N ARG B 412 1.16 -11.10 -5.46
CA ARG B 412 1.26 -9.95 -6.37
C ARG B 412 0.27 -8.85 -5.97
N ASP B 413 0.64 -7.57 -6.15
CA ASP B 413 -0.21 -6.44 -5.76
C ASP B 413 -1.58 -6.57 -6.37
N LEU B 414 -2.61 -6.60 -5.51
CA LEU B 414 -3.95 -6.86 -5.96
C LEU B 414 -4.48 -5.82 -6.98
N PHE B 415 -3.65 -4.81 -7.28
CA PHE B 415 -3.97 -3.83 -8.31
C PHE B 415 -2.90 -3.59 -9.36
N THR B 416 -1.68 -3.25 -8.95
CA THR B 416 -0.59 -3.10 -9.91
C THR B 416 -0.30 -4.45 -10.57
N ASN B 417 -0.80 -5.51 -9.92
CA ASN B 417 -0.42 -6.89 -10.21
C ASN B 417 1.10 -7.05 -10.10
N GLU B 418 1.74 -6.06 -9.49
CA GLU B 418 3.18 -6.12 -9.34
C GLU B 418 3.61 -7.01 -8.13
N LEU B 419 4.63 -7.84 -8.33
CA LEU B 419 5.19 -8.66 -7.27
C LEU B 419 5.34 -7.82 -6.00
N ASN B 420 5.05 -8.43 -4.85
CA ASN B 420 4.97 -7.70 -3.58
C ASN B 420 5.61 -8.45 -2.41
N ASP B 421 6.42 -9.46 -2.72
CA ASP B 421 7.18 -10.14 -1.68
C ASP B 421 8.32 -9.23 -1.25
N TRP B 422 8.80 -9.36 -0.02
CA TRP B 422 10.09 -8.80 0.27
C TRP B 422 11.04 -9.39 -0.72
N ASN B 423 11.95 -8.57 -1.27
CA ASN B 423 12.98 -9.03 -2.21
C ASN B 423 14.35 -8.37 -1.96
N SER B 424 15.29 -9.12 -1.40
CA SER B 424 16.56 -8.57 -0.92
C SER B 424 17.70 -8.31 -1.94
N LEU B 425 18.22 -7.09 -1.92
CA LEU B 425 19.45 -6.73 -2.63
C LEU B 425 20.59 -7.70 -2.39
N SER B 426 20.85 -8.03 -1.14
CA SER B 426 21.94 -8.95 -0.85
C SER B 426 21.70 -10.32 -1.46
N GLN B 427 20.43 -10.74 -1.55
CA GLN B 427 20.17 -12.03 -2.16
C GLN B 427 20.47 -12.04 -3.69
N PHE B 428 20.12 -10.97 -4.40
CA PHE B 428 20.39 -10.85 -5.82
C PHE B 428 21.90 -10.85 -6.10
N GLU B 429 22.63 -10.07 -5.31
CA GLU B 429 24.08 -9.92 -5.48
C GLU B 429 24.88 -11.19 -5.17
N SER B 430 24.61 -11.80 -4.01
CA SER B 430 25.31 -13.01 -3.63
C SER B 430 25.06 -14.14 -4.63
N LYS B 431 23.80 -14.33 -5.02
CA LYS B 431 23.41 -15.33 -6.03
C LYS B 431 24.29 -15.22 -7.24
N GLU B 432 24.24 -14.05 -7.88
CA GLU B 432 24.89 -13.81 -9.14
C GLU B 432 26.42 -13.86 -9.05
N GLY B 433 26.96 -13.64 -7.85
CA GLY B 433 28.39 -13.67 -7.63
C GLY B 433 29.10 -12.32 -7.70
N ASN B 434 28.32 -11.24 -7.62
CA ASN B 434 28.90 -9.91 -7.53
C ASN B 434 28.92 -9.54 -6.07
N LEU B 435 29.95 -10.03 -5.38
CA LEU B 435 30.12 -9.77 -3.96
C LEU B 435 31.25 -8.78 -3.75
N TYR B 436 31.11 -7.92 -2.74
CA TYR B 436 32.10 -6.90 -2.42
C TYR B 436 33.48 -7.41 -2.05
N CYS B 437 33.55 -8.58 -1.43
CA CYS B 437 34.80 -9.17 -1.05
C CYS B 437 35.66 -9.57 -2.23
N ASP B 438 35.03 -9.76 -3.37
CA ASP B 438 35.74 -10.28 -4.53
C ASP B 438 36.37 -9.24 -5.46
N LEU B 439 36.51 -8.00 -4.99
CA LEU B 439 37.11 -6.92 -5.81
C LEU B 439 38.27 -6.21 -5.13
N ASN B 440 39.24 -5.75 -5.93
CA ASN B 440 40.40 -4.98 -5.46
C ASN B 440 40.23 -3.49 -5.64
N ASP B 441 39.95 -3.08 -6.88
CA ASP B 441 39.68 -1.68 -7.21
C ASP B 441 38.57 -1.09 -6.34
N ASP B 442 38.93 -0.14 -5.48
CA ASP B 442 37.96 0.43 -4.53
C ASP B 442 36.93 1.34 -5.20
N LEU B 443 37.27 1.86 -6.38
CA LEU B 443 36.34 2.61 -7.20
C LEU B 443 35.19 1.72 -7.61
N LYS B 444 35.51 0.64 -8.32
CA LYS B 444 34.51 -0.36 -8.73
C LYS B 444 33.59 -0.67 -7.54
N ILE B 445 34.21 -0.88 -6.37
CA ILE B 445 33.50 -1.13 -5.10
C ILE B 445 32.66 0.06 -4.67
N LEU B 446 33.25 1.25 -4.73
CA LEU B 446 32.53 2.44 -4.28
C LEU B 446 31.37 2.66 -5.23
N ASN B 447 31.68 2.70 -6.52
CA ASN B 447 30.66 2.82 -7.56
C ASN B 447 29.53 1.80 -7.39
N ARG B 448 29.89 0.58 -7.02
CA ARG B 448 28.90 -0.48 -6.80
C ARG B 448 28.02 -0.27 -5.56
N ILE B 449 28.51 0.50 -4.59
CA ILE B 449 27.70 0.83 -3.42
C ILE B 449 26.79 2.03 -3.72
N LEU B 450 27.34 3.01 -4.41
CA LEU B 450 26.60 4.22 -4.77
C LEU B 450 25.45 3.85 -5.67
N ASP B 451 25.67 2.84 -6.51
CA ASP B 451 24.65 2.41 -7.45
C ASP B 451 23.62 1.49 -6.80
N ALA B 452 23.75 1.23 -5.51
CA ALA B 452 22.83 0.30 -4.85
C ALA B 452 21.35 0.71 -4.91
N HIS B 453 21.07 1.99 -4.68
CA HIS B 453 19.69 2.49 -4.71
C HIS B 453 18.98 2.20 -6.03
N ASN B 454 19.72 2.24 -7.12
CA ASN B 454 19.19 1.92 -8.44
C ASN B 454 18.99 0.42 -8.65
N ILE B 455 19.90 -0.39 -8.14
CA ILE B 455 19.80 -1.85 -8.24
C ILE B 455 18.54 -2.36 -7.51
N ILE B 456 18.22 -1.72 -6.39
CA ILE B 456 16.97 -2.00 -5.69
C ILE B 456 15.80 -1.48 -6.51
N ASP B 457 15.88 -0.20 -6.90
CA ASP B 457 14.87 0.43 -7.75
C ASP B 457 14.58 -0.41 -8.96
N GLN B 458 15.62 -1.06 -9.48
CA GLN B 458 15.47 -2.07 -10.50
C GLN B 458 14.68 -3.24 -9.92
N LEU B 459 15.21 -3.92 -8.91
CA LEU B 459 14.59 -5.15 -8.42
C LEU B 459 13.05 -5.21 -8.42
N GLN B 460 12.41 -4.19 -7.84
CA GLN B 460 10.96 -4.15 -7.74
C GLN B 460 10.37 -3.69 -9.07
N ASP B 461 10.66 -2.44 -9.42
CA ASP B 461 10.31 -1.85 -10.72
C ASP B 461 10.84 -2.68 -11.90
N LYS B 462 11.64 -3.70 -11.61
CA LYS B 462 12.12 -4.70 -12.59
C LYS B 462 10.96 -5.64 -12.75
N PRO B 463 9.99 -5.29 -13.63
CA PRO B 463 8.71 -6.00 -13.65
C PRO B 463 8.93 -7.49 -13.96
N GLU B 464 9.42 -7.75 -15.18
CA GLU B 464 9.90 -9.07 -15.61
C GLU B 464 10.81 -9.60 -14.50
N ASN B 465 10.75 -10.91 -14.31
CA ASN B 465 11.53 -11.57 -13.27
C ASN B 465 12.91 -11.59 -13.90
N TYR B 466 13.70 -10.57 -13.56
CA TYR B 466 15.06 -10.40 -14.07
C TYR B 466 16.06 -10.63 -12.91
N GLY B 467 17.02 -11.52 -13.18
CA GLY B 467 17.76 -12.26 -12.15
C GLY B 467 17.27 -13.71 -12.26
N ASN B 468 18.20 -14.66 -12.39
CA ASN B 468 17.83 -16.09 -12.46
C ASN B 468 17.31 -16.55 -11.11
N THR B 469 15.98 -16.57 -10.95
CA THR B 469 15.39 -16.97 -9.67
C THR B 469 15.63 -18.47 -9.42
N LEU B 470 15.60 -19.25 -10.51
CA LEU B 470 15.77 -20.70 -10.44
C LEU B 470 17.25 -21.16 -10.41
N LYS B 471 18.15 -20.25 -10.07
CA LYS B 471 19.54 -20.65 -9.83
C LYS B 471 19.81 -20.61 -8.33
N GLU B 472 20.69 -21.49 -7.86
CA GLU B 472 20.96 -21.64 -6.44
C GLU B 472 22.06 -20.68 -5.95
N ASN B 473 22.06 -20.42 -4.65
CA ASN B 473 22.99 -19.45 -4.03
C ASN B 473 24.13 -20.16 -3.31
N PHE B 474 25.33 -19.96 -3.84
CA PHE B 474 26.50 -20.63 -3.30
C PHE B 474 27.65 -19.67 -2.89
N ALA B 475 27.33 -18.39 -2.67
CA ALA B 475 28.30 -17.44 -2.08
C ALA B 475 29.07 -18.02 -0.86
N PRO B 476 30.41 -17.92 -0.85
CA PRO B 476 31.11 -18.30 0.38
C PRO B 476 30.61 -17.53 1.58
N LEU B 477 30.38 -18.21 2.71
CA LEU B 477 29.80 -17.66 3.98
C LEU B 477 30.39 -16.38 4.47
N GLU B 478 31.71 -16.31 4.57
CA GLU B 478 32.29 -15.08 5.08
C GLU B 478 31.94 -13.90 4.18
N LYS B 479 32.14 -14.05 2.88
CA LYS B 479 31.88 -12.98 1.89
C LYS B 479 30.42 -12.54 1.90
N ALA B 480 29.56 -13.52 2.12
CA ALA B 480 28.14 -13.32 2.30
C ALA B 480 27.84 -12.55 3.59
N ILE B 481 28.63 -12.77 4.61
CA ILE B 481 28.38 -12.02 5.83
C ILE B 481 28.80 -10.57 5.71
N VAL B 482 29.89 -10.30 4.97
CA VAL B 482 30.23 -8.92 4.69
C VAL B 482 29.06 -8.28 3.94
N GLN B 483 28.68 -8.91 2.83
CA GLN B 483 27.59 -8.47 1.96
C GLN B 483 26.38 -7.98 2.68
N SER B 484 26.00 -8.74 3.71
CA SER B 484 24.79 -8.42 4.45
C SER B 484 24.98 -7.21 5.32
N ILE B 485 26.13 -7.11 5.99
CA ILE B 485 26.36 -5.97 6.86
C ILE B 485 26.56 -4.71 6.02
N ALA B 486 27.38 -4.80 5.00
CA ALA B 486 27.52 -3.70 4.05
C ALA B 486 26.17 -3.19 3.57
N ASN B 487 25.30 -4.10 3.12
CA ASN B 487 24.02 -3.68 2.59
C ASN B 487 23.06 -3.22 3.67
N ALA B 488 23.02 -3.95 4.78
CA ALA B 488 22.15 -3.61 5.90
C ALA B 488 22.30 -2.15 6.18
N SER B 489 23.55 -1.74 6.32
CA SER B 489 23.83 -0.44 6.83
C SER B 489 23.59 0.57 5.71
N ILE B 490 24.23 0.40 4.56
CA ILE B 490 24.07 1.39 3.50
C ILE B 490 22.62 1.56 3.04
N THR B 491 21.80 0.53 3.18
CA THR B 491 20.44 0.64 2.65
C THR B 491 19.52 1.30 3.67
N ALA B 492 19.90 1.26 4.94
CA ALA B 492 19.05 1.80 6.00
C ALA B 492 19.63 2.87 6.92
N ASP B 493 20.43 2.48 7.89
CA ASP B 493 20.98 3.38 8.90
C ASP B 493 22.44 2.96 8.97
N VAL B 494 23.27 3.71 8.27
CA VAL B 494 24.65 3.26 8.00
C VAL B 494 25.55 3.23 9.25
N THR B 495 25.25 4.07 10.24
CA THR B 495 26.05 4.22 11.47
C THR B 495 26.20 2.93 12.32
N ARG B 496 25.39 1.92 12.02
CA ARG B 496 25.46 0.68 12.80
C ARG B 496 26.44 -0.30 12.20
N MET B 497 27.15 0.10 11.15
CA MET B 497 28.05 -0.81 10.51
C MET B 497 28.95 -1.41 11.59
N ASN B 498 29.48 -0.52 12.42
CA ASN B 498 30.25 -0.93 13.56
C ASN B 498 29.57 -1.95 14.52
N SER B 499 28.27 -1.77 14.77
CA SER B 499 27.58 -2.63 15.72
C SER B 499 27.33 -4.03 15.15
N PHE B 500 26.85 -4.12 13.93
CA PHE B 500 26.65 -5.43 13.28
C PHE B 500 27.92 -6.23 13.38
N TYR B 501 29.05 -5.61 13.07
CA TYR B 501 30.30 -6.37 12.99
C TYR B 501 30.75 -6.79 14.34
N SER B 502 30.21 -6.19 15.39
CA SER B 502 30.66 -6.55 16.72
C SER B 502 29.59 -7.31 17.42
N ASN B 503 28.64 -7.79 16.62
CA ASN B 503 27.53 -8.61 17.05
C ASN B 503 27.09 -9.56 15.94
N ILE B 504 27.92 -10.54 15.62
CA ILE B 504 27.61 -11.46 14.53
C ILE B 504 27.27 -12.72 15.24
N LEU B 505 25.98 -13.03 15.25
CA LEU B 505 25.46 -14.06 16.12
C LEU B 505 25.22 -15.33 15.32
N ILE B 506 25.83 -16.44 15.69
CA ILE B 506 25.70 -17.66 14.94
C ILE B 506 24.90 -18.67 15.67
N VAL B 507 23.80 -19.05 15.03
CA VAL B 507 22.74 -19.84 15.63
C VAL B 507 22.47 -20.98 14.66
N GLY B 508 21.58 -21.89 14.97
CA GLY B 508 21.21 -22.92 14.02
C GLY B 508 21.69 -24.32 14.36
N GLY B 509 20.85 -25.30 14.08
CA GLY B 509 21.13 -26.67 14.42
C GLY B 509 22.38 -27.24 13.80
N SER B 510 22.92 -26.58 12.79
CA SER B 510 24.07 -27.14 12.10
C SER B 510 25.30 -26.25 12.26
N SER B 511 25.25 -25.39 13.28
CA SER B 511 26.19 -24.28 13.44
C SER B 511 27.11 -24.46 14.60
N LYS B 512 26.87 -25.53 15.36
CA LYS B 512 27.56 -25.88 16.60
C LYS B 512 28.92 -26.50 16.33
N ILE B 513 29.53 -26.23 15.19
CA ILE B 513 30.83 -26.79 14.84
C ILE B 513 31.98 -26.22 15.70
N PRO B 514 32.63 -27.05 16.57
CA PRO B 514 33.64 -26.51 17.50
C PRO B 514 34.69 -25.61 16.84
N ALA B 515 34.94 -24.45 17.44
CA ALA B 515 35.91 -23.45 16.93
C ALA B 515 35.57 -22.81 15.56
N LEU B 516 34.30 -22.80 15.16
CA LEU B 516 33.95 -22.07 13.93
C LEU B 516 33.98 -20.55 14.11
N ASP B 517 33.62 -20.06 15.29
CA ASP B 517 33.68 -18.62 15.52
C ASP B 517 35.06 -18.10 15.14
N PHE B 518 36.04 -18.89 15.55
CA PHE B 518 37.43 -18.56 15.44
C PHE B 518 37.78 -18.47 13.97
N ILE B 519 37.49 -19.53 13.21
CA ILE B 519 37.91 -19.52 11.81
C ILE B 519 37.10 -18.55 10.96
N LEU B 520 35.83 -18.35 11.32
CA LEU B 520 35.01 -17.33 10.66
C LEU B 520 35.66 -15.95 10.84
N THR B 521 35.92 -15.57 12.08
CA THR B 521 36.61 -14.33 12.33
C THR B 521 37.83 -14.15 11.41
N ASP B 522 38.68 -15.16 11.33
CA ASP B 522 39.92 -15.04 10.57
C ASP B 522 39.63 -14.81 9.10
N ARG B 523 38.61 -15.51 8.64
CA ARG B 523 38.24 -15.50 7.26
C ARG B 523 37.63 -14.17 6.85
N ILE B 524 36.81 -13.55 7.71
CA ILE B 524 36.17 -12.28 7.35
C ILE B 524 37.24 -11.22 7.29
N ASN B 525 38.11 -11.23 8.30
CA ASN B 525 39.26 -10.35 8.34
C ASN B 525 40.10 -10.45 7.07
N ILE B 526 40.21 -11.64 6.48
CA ILE B 526 40.95 -11.82 5.22
C ILE B 526 40.30 -11.18 3.96
N TRP B 527 38.96 -11.21 3.88
CA TRP B 527 38.24 -10.78 2.66
C TRP B 527 37.54 -9.40 2.67
N ARG B 528 37.00 -8.97 3.81
CA ARG B 528 36.44 -7.64 3.90
C ARG B 528 37.47 -6.65 3.30
N PRO B 529 37.04 -5.84 2.33
CA PRO B 529 37.95 -4.92 1.64
C PRO B 529 38.37 -3.77 2.54
N SER B 530 39.54 -3.20 2.27
CA SER B 530 40.07 -2.13 3.10
C SER B 530 39.07 -0.98 3.18
N LEU B 531 38.47 -0.66 2.04
CA LEU B 531 37.47 0.41 1.95
C LEU B 531 36.26 0.14 2.86
N LEU B 532 35.81 -1.10 2.89
CA LEU B 532 34.65 -1.41 3.69
C LEU B 532 34.99 -1.69 5.13
N SER B 533 36.28 -1.60 5.46
CA SER B 533 36.78 -1.97 6.78
C SER B 533 37.21 -0.76 7.60
N SER B 534 37.44 0.37 6.91
CA SER B 534 37.73 1.62 7.58
C SER B 534 36.54 1.97 8.45
N ALA B 535 36.78 2.13 9.75
CA ALA B 535 35.71 2.50 10.69
C ALA B 535 35.11 3.89 10.40
N SER B 536 35.77 4.63 9.50
CA SER B 536 35.34 5.97 9.14
C SER B 536 34.42 5.96 7.90
N PHE B 537 34.33 4.81 7.24
CA PHE B 537 33.52 4.67 6.04
C PHE B 537 32.07 5.14 6.20
N PRO B 538 31.42 4.87 7.35
CA PRO B 538 30.04 5.34 7.58
C PRO B 538 29.85 6.85 7.39
N GLN B 539 30.51 7.66 8.24
CA GLN B 539 30.48 9.13 8.19
C GLN B 539 31.02 9.65 6.87
N PHE B 540 31.81 8.82 6.21
CA PHE B 540 32.28 9.10 4.87
C PHE B 540 31.11 8.99 3.93
N TYR B 541 30.58 7.76 3.79
CA TYR B 541 29.52 7.44 2.84
C TYR B 541 28.41 8.48 2.83
N LYS B 542 28.07 8.98 4.02
CA LYS B 542 27.07 10.01 4.22
C LYS B 542 27.47 11.28 3.50
N LYS B 543 28.66 11.78 3.81
CA LYS B 543 29.14 12.99 3.15
C LYS B 543 29.19 12.80 1.65
N LEU B 544 29.71 11.66 1.20
CA LEU B 544 29.83 11.39 -0.22
C LEU B 544 28.47 11.43 -0.87
N THR B 545 27.54 10.70 -0.28
CA THR B 545 26.22 10.52 -0.87
C THR B 545 25.36 11.78 -0.76
N LYS B 546 25.68 12.65 0.21
CA LYS B 546 25.02 13.96 0.34
C LYS B 546 25.54 14.96 -0.70
N GLU B 547 26.82 14.83 -1.03
CA GLU B 547 27.45 15.72 -1.99
C GLU B 547 27.16 15.34 -3.45
N ILE B 548 26.48 14.22 -3.67
CA ILE B 548 26.06 13.83 -5.03
C ILE B 548 24.61 14.22 -5.27
N LYS B 549 23.91 14.57 -4.19
CA LYS B 549 22.61 15.25 -4.27
C LYS B 549 22.89 16.66 -4.79
N ASP B 550 23.70 17.38 -4.02
CA ASP B 550 24.03 18.78 -4.25
C ASP B 550 24.62 19.06 -5.63
N LEU B 551 25.13 18.01 -6.29
CA LEU B 551 25.73 18.16 -7.61
C LEU B 551 24.73 18.60 -8.67
N GLU B 552 23.47 18.22 -8.52
CA GLU B 552 22.44 18.57 -9.50
C GLU B 552 21.98 20.03 -9.41
N GLY B 553 21.86 20.56 -8.19
CA GLY B 553 21.23 21.85 -7.97
C GLY B 553 21.93 22.92 -7.12
N HIS B 554 23.25 22.87 -7.04
CA HIS B 554 24.00 24.00 -6.46
C HIS B 554 24.19 25.06 -7.53
N TYR B 555 24.40 24.62 -8.77
CA TYR B 555 24.17 25.45 -9.94
C TYR B 555 22.69 25.30 -10.29
N VAL B 556 22.07 26.37 -10.80
CA VAL B 556 20.62 26.39 -11.08
C VAL B 556 20.22 25.33 -12.12
N ASN B 557 19.47 24.31 -11.68
CA ASN B 557 18.91 23.24 -12.52
C ASN B 557 19.97 22.63 -13.47
N ALA B 558 19.65 22.56 -14.76
CA ALA B 558 20.53 21.99 -15.79
C ALA B 558 21.54 22.95 -16.46
N PRO B 559 22.80 22.95 -15.97
CA PRO B 559 23.87 23.88 -16.39
C PRO B 559 24.37 23.69 -17.84
N ASP B 560 25.38 24.48 -18.23
CA ASP B 560 25.84 24.55 -19.63
C ASP B 560 27.34 24.25 -19.90
N LYS B 561 27.60 23.19 -20.67
CA LYS B 561 28.94 22.94 -21.25
C LYS B 561 28.91 23.30 -22.74
N THR B 562 28.07 22.60 -23.51
CA THR B 562 27.50 23.14 -24.74
C THR B 562 26.24 23.90 -24.26
N GLU B 563 25.44 24.46 -25.17
CA GLU B 563 24.26 25.22 -24.69
C GLU B 563 23.00 24.39 -24.38
N ASP B 564 23.23 23.27 -23.67
CA ASP B 564 22.28 22.50 -22.81
C ASP B 564 20.97 21.88 -23.36
N GLU B 565 21.00 21.26 -24.53
CA GLU B 565 19.83 20.50 -24.99
C GLU B 565 20.08 19.13 -25.62
N ASN B 566 21.28 18.60 -25.42
CA ASN B 566 21.62 17.26 -25.91
C ASN B 566 21.59 16.22 -24.80
N LYS B 567 20.74 16.45 -23.78
CA LYS B 567 20.74 15.69 -22.53
C LYS B 567 22.15 15.64 -21.94
N GLN B 568 22.69 16.81 -21.59
CA GLN B 568 24.09 16.97 -21.16
C GLN B 568 24.64 15.88 -20.22
N ILE B 569 25.60 15.10 -20.72
CA ILE B 569 26.18 13.98 -19.93
C ILE B 569 27.54 14.30 -19.29
N LEU B 570 28.06 15.51 -19.50
CA LEU B 570 29.26 15.93 -18.80
C LEU B 570 28.96 16.30 -17.35
N GLN B 571 27.67 16.37 -17.02
CA GLN B 571 27.21 16.31 -15.63
C GLN B 571 27.54 14.94 -15.03
N ALA B 572 27.37 13.88 -15.83
CA ALA B 572 27.74 12.53 -15.41
C ALA B 572 29.25 12.41 -15.24
N GLN B 573 30.01 13.21 -15.99
CA GLN B 573 31.46 13.35 -15.79
C GLN B 573 31.79 13.98 -14.44
N ILE B 574 31.06 15.04 -14.08
CA ILE B 574 31.26 15.72 -12.78
C ILE B 574 30.85 14.83 -11.60
N LYS B 575 29.89 13.93 -11.85
CA LYS B 575 29.48 12.90 -10.90
C LYS B 575 30.65 11.96 -10.63
N GLU B 576 31.21 11.41 -11.71
CA GLU B 576 32.32 10.47 -11.65
C GLU B 576 33.61 11.06 -11.09
N LYS B 577 33.92 12.30 -11.48
CA LYS B 577 35.15 12.94 -11.05
C LYS B 577 35.10 13.25 -9.56
N ILE B 578 33.96 13.76 -9.09
CA ILE B 578 33.79 14.03 -7.67
C ILE B 578 33.80 12.72 -6.89
N VAL B 579 33.20 11.68 -7.46
CA VAL B 579 33.34 10.33 -6.92
C VAL B 579 34.82 9.99 -6.79
N GLU B 580 35.57 10.20 -7.86
CA GLU B 580 37.02 9.93 -7.87
C GLU B 580 37.81 10.83 -6.94
N GLU B 581 37.40 12.10 -6.87
CA GLU B 581 38.11 13.07 -6.04
C GLU B 581 37.73 12.93 -4.57
N LEU B 582 36.43 13.00 -4.28
CA LEU B 582 35.96 12.95 -2.89
C LEU B 582 36.35 11.63 -2.19
N GLU B 583 36.53 10.55 -2.96
CA GLU B 583 37.11 9.30 -2.44
C GLU B 583 38.61 9.42 -2.23
N GLU B 584 39.29 9.97 -3.24
CA GLU B 584 40.72 10.21 -3.17
C GLU B 584 41.01 11.11 -1.97
N GLN B 585 40.15 12.09 -1.73
CA GLN B 585 40.27 13.02 -0.61
C GLN B 585 40.03 12.36 0.74
N HIS B 586 39.44 11.18 0.72
CA HIS B 586 39.30 10.38 1.94
C HIS B 586 40.47 9.41 2.05
N GLN B 587 40.87 8.83 0.92
CA GLN B 587 42.06 8.00 0.84
C GLN B 587 43.23 8.70 1.53
N ASN B 588 43.30 10.02 1.36
CA ASN B 588 44.36 10.86 1.95
C ASN B 588 44.06 11.41 3.34
N ILE B 589 42.84 11.18 3.83
CA ILE B 589 42.51 11.45 5.23
C ILE B 589 42.91 10.22 6.04
N GLU B 590 42.85 9.05 5.41
CA GLU B 590 43.13 7.77 6.09
C GLU B 590 44.44 7.09 5.68
N HIS B 591 45.12 7.60 4.65
CA HIS B 591 46.48 7.14 4.37
C HIS B 591 47.47 7.91 5.23
N GLN B 592 47.11 9.16 5.56
CA GLN B 592 48.00 10.13 6.20
C GLN B 592 48.83 9.61 7.37
N ASN B 593 48.22 8.77 8.21
CA ASN B 593 48.84 8.39 9.48
C ASN B 593 49.34 6.95 9.55
N GLY B 594 48.54 6.01 9.06
CA GLY B 594 48.81 4.59 9.24
C GLY B 594 48.05 4.07 10.45
N ASN B 595 47.85 4.95 11.43
CA ASN B 595 47.15 4.61 12.67
C ASN B 595 45.66 4.80 12.45
N GLU B 596 44.96 3.72 12.13
CA GLU B 596 43.56 3.83 11.75
C GLU B 596 42.68 2.98 12.65
N HIS B 597 41.50 3.52 12.95
CA HIS B 597 40.49 2.73 13.60
C HIS B 597 39.84 1.84 12.54
N ILE B 598 39.61 0.59 12.91
CA ILE B 598 39.23 -0.45 11.95
C ILE B 598 38.17 -1.40 12.54
N PHE B 599 37.08 -1.58 11.81
CA PHE B 599 35.94 -2.37 12.30
C PHE B 599 36.33 -3.66 13.00
N PRO B 600 35.69 -3.96 14.15
CA PRO B 600 35.88 -5.22 14.85
C PRO B 600 35.12 -6.34 14.14
N VAL B 601 35.76 -7.47 13.95
CA VAL B 601 35.06 -8.66 13.52
C VAL B 601 35.03 -9.55 14.75
N SER B 602 33.84 -9.74 15.31
CA SER B 602 33.71 -10.40 16.59
C SER B 602 32.44 -11.18 16.62
N ILE B 603 32.58 -12.49 16.82
CA ILE B 603 31.41 -13.39 16.82
C ILE B 603 30.84 -13.62 18.22
N ILE B 604 29.63 -13.14 18.42
CA ILE B 604 28.89 -13.33 19.67
C ILE B 604 28.57 -14.81 19.80
N PRO B 605 28.68 -15.35 21.02
CA PRO B 605 28.34 -16.76 21.19
C PRO B 605 26.88 -16.85 21.59
N PRO B 606 26.16 -17.87 21.08
CA PRO B 606 24.79 -18.00 21.58
C PRO B 606 24.85 -18.35 23.06
N PRO B 607 24.01 -17.73 23.91
CA PRO B 607 24.24 -17.83 25.35
C PRO B 607 24.03 -19.21 26.01
N ARG B 608 24.69 -19.37 27.16
CA ARG B 608 24.29 -20.32 28.22
C ARG B 608 24.27 -21.81 27.87
N ASP B 609 25.15 -22.25 26.97
CA ASP B 609 25.25 -23.68 26.62
C ASP B 609 23.94 -24.27 26.06
N MET B 610 22.96 -23.41 25.78
CA MET B 610 21.61 -23.88 25.37
C MET B 610 21.24 -23.69 23.89
N ASN B 611 20.71 -24.76 23.32
CA ASN B 611 20.79 -25.10 21.89
C ASN B 611 20.79 -24.04 20.78
N PRO B 612 21.87 -24.02 19.96
CA PRO B 612 21.88 -23.22 18.74
C PRO B 612 20.62 -23.43 17.89
N ALA B 613 20.04 -24.62 17.90
CA ALA B 613 18.90 -24.92 17.05
C ALA B 613 17.58 -24.54 17.69
N LEU B 614 17.57 -24.28 18.99
CA LEU B 614 16.30 -24.06 19.67
C LEU B 614 16.02 -22.59 19.92
N ILE B 615 16.97 -21.74 19.58
CA ILE B 615 16.90 -20.32 19.88
C ILE B 615 15.66 -19.61 19.31
N ILE B 616 15.40 -19.86 18.02
CA ILE B 616 14.37 -19.19 17.30
C ILE B 616 13.04 -19.51 17.92
N TRP B 617 12.89 -20.76 18.38
CA TRP B 617 11.64 -21.16 19.05
C TRP B 617 11.54 -20.51 20.42
N LYS B 618 12.66 -20.49 21.14
CA LYS B 618 12.74 -19.83 22.44
C LYS B 618 12.39 -18.34 22.34
N GLY B 619 12.76 -17.73 21.23
CA GLY B 619 12.48 -16.32 21.03
C GLY B 619 11.00 -16.04 20.76
N ALA B 620 10.39 -16.89 19.91
CA ALA B 620 8.95 -16.82 19.62
C ALA B 620 8.18 -17.07 20.89
N SER B 621 8.74 -17.96 21.72
CA SER B 621 8.30 -18.14 23.10
C SER B 621 8.31 -16.86 23.92
N VAL B 622 9.44 -16.15 23.93
CA VAL B 622 9.55 -14.86 24.59
C VAL B 622 8.39 -13.94 24.13
N LEU B 623 8.34 -13.64 22.84
CA LEU B 623 7.22 -12.89 22.25
C LEU B 623 5.85 -13.41 22.74
N ALA B 624 5.67 -14.73 22.82
CA ALA B 624 4.39 -15.30 23.20
C ALA B 624 3.97 -14.88 24.61
N GLN B 625 4.91 -14.33 25.38
CA GLN B 625 4.76 -14.14 26.81
C GLN B 625 4.88 -12.67 27.20
N ILE B 626 5.25 -11.84 26.23
CA ILE B 626 5.30 -10.36 26.37
C ILE B 626 3.90 -9.82 26.04
N LYS B 627 3.58 -8.61 26.45
CA LYS B 627 2.24 -8.00 26.18
C LYS B 627 1.99 -7.64 24.70
N LEU B 628 3.06 -7.56 23.93
CA LEU B 628 3.07 -7.09 22.56
C LEU B 628 2.37 -8.04 21.57
N VAL B 629 2.42 -9.36 21.78
CA VAL B 629 1.66 -10.29 20.93
C VAL B 629 0.18 -10.04 21.01
N GLU B 630 -0.27 -9.52 22.15
CA GLU B 630 -1.69 -9.27 22.31
C GLU B 630 -2.34 -8.48 21.18
N GLU B 631 -1.58 -7.76 20.38
CA GLU B 631 -2.20 -7.02 19.30
C GLU B 631 -1.66 -7.44 17.97
N LEU B 632 -0.90 -8.53 18.01
CA LEU B 632 -0.40 -9.18 16.82
C LEU B 632 -1.19 -10.42 16.51
N PHE B 633 -2.02 -10.87 17.45
CA PHE B 633 -2.86 -12.07 17.22
C PHE B 633 -3.98 -11.78 16.23
N ILE B 634 -3.80 -12.27 15.00
CA ILE B 634 -4.85 -12.19 13.98
C ILE B 634 -5.85 -13.22 14.39
N THR B 635 -7.00 -12.79 14.88
CA THR B 635 -7.95 -13.76 15.45
C THR B 635 -8.73 -14.36 14.32
N ASN B 636 -9.63 -15.25 14.67
CA ASN B 636 -10.40 -15.92 13.64
C ASN B 636 -11.34 -15.02 12.86
N SER B 637 -12.11 -14.16 13.54
CA SER B 637 -12.99 -13.20 12.82
C SER B 637 -12.24 -12.03 12.14
N ASP B 638 -11.10 -11.63 12.72
CA ASP B 638 -10.16 -10.72 12.05
C ASP B 638 -10.01 -11.26 10.60
N TRP B 639 -9.60 -12.51 10.49
CA TRP B 639 -9.25 -13.10 9.23
C TRP B 639 -10.45 -13.25 8.29
N ASP B 640 -11.63 -13.46 8.87
CA ASP B 640 -12.82 -13.68 8.04
C ASP B 640 -13.43 -12.40 7.51
N VAL B 641 -13.21 -11.30 8.23
CA VAL B 641 -13.61 -9.98 7.81
C VAL B 641 -12.64 -9.38 6.74
N HIS B 642 -11.35 -9.48 6.97
CA HIS B 642 -10.38 -8.68 6.23
C HIS B 642 -9.46 -9.50 5.34
N GLY B 643 -9.47 -10.83 5.48
CA GLY B 643 -8.52 -11.67 4.78
C GLY B 643 -7.11 -11.19 5.07
N SER B 644 -6.25 -11.15 4.06
CA SER B 644 -4.84 -10.81 4.23
C SER B 644 -4.59 -9.32 4.52
N ARG B 645 -5.64 -8.49 4.37
CA ARG B 645 -5.50 -7.04 4.61
C ARG B 645 -5.00 -6.76 6.04
N ILE B 646 -5.41 -7.61 7.01
CA ILE B 646 -5.05 -7.34 8.41
C ILE B 646 -3.58 -7.33 8.55
N LEU B 647 -2.86 -8.14 7.76
CA LEU B 647 -1.44 -8.14 7.96
C LEU B 647 -0.90 -6.71 7.79
N GLN B 648 -1.63 -5.86 7.08
CA GLN B 648 -1.22 -4.45 7.03
C GLN B 648 -1.38 -3.69 8.37
N TYR B 649 -2.22 -4.19 9.29
CA TYR B 649 -2.55 -3.54 10.58
C TYR B 649 -1.98 -4.23 11.81
N LYS B 650 -1.98 -5.56 11.81
CA LYS B 650 -1.50 -6.33 12.94
C LYS B 650 -0.30 -7.17 12.56
N CYS B 651 0.91 -6.70 12.86
CA CYS B 651 2.11 -7.33 12.39
C CYS B 651 3.36 -6.68 12.94
N ILE B 652 4.25 -7.50 13.47
CA ILE B 652 5.46 -6.99 14.11
C ILE B 652 6.44 -6.49 13.11
N PHE B 653 6.12 -6.57 11.83
CA PHE B 653 7.02 -5.97 10.83
C PHE B 653 6.17 -5.36 9.77
N THR B 654 6.82 -4.71 8.82
CA THR B 654 6.12 -4.15 7.70
C THR B 654 5.83 -5.19 6.62
N TYR B 655 4.65 -5.77 6.66
CA TYR B 655 4.30 -6.82 5.71
C TYR B 655 4.39 -6.28 4.29
S SO4 C . -20.97 16.21 -1.71
O1 SO4 C . -21.01 15.94 -0.27
O2 SO4 C . -22.11 17.03 -2.13
O3 SO4 C . -21.04 14.96 -2.46
O4 SO4 C . -19.72 16.81 -2.12
S SO4 D . -24.82 15.65 2.80
O1 SO4 D . -23.93 16.81 3.09
O2 SO4 D . -26.16 15.97 3.28
O3 SO4 D . -24.30 14.50 3.57
O4 SO4 D . -24.86 15.36 1.35
#